data_2O8G
#
_entry.id   2O8G
#
_cell.length_a   96.267
_cell.length_b   103.234
_cell.length_c   149.992
_cell.angle_alpha   90.00
_cell.angle_beta   90.00
_cell.angle_gamma   90.00
#
_symmetry.space_group_name_H-M   'P 21 21 21'
#
loop_
_entity.id
_entity.type
_entity.pdbx_description
1 polymer 'Serine/threonine-protein phosphatase PP1-gamma catalytic subunit'
2 polymer 'Protein phosphatase inhibitor 2'
3 non-polymer 'MANGANESE (II) ION'
4 water water
#
loop_
_entity_poly.entity_id
_entity_poly.type
_entity_poly.pdbx_seq_one_letter_code
_entity_poly.pdbx_strand_id
1 'polypeptide(L)'
;MHHHHHHADIDKLNIDSIIQRLLEVRGSKPGKNVQLQENEIRGLCLKSREIFLSQPILLELEAPLKICGDIHGQYYDLLR
LFEYGGFPPESNYLFLGDYVDRGKQSLETICLLLAYKIKYPENFFLLRGNHECASINRIYGFYDECKRRYNIKLWKTFTD
CFNCLPIAAIVDEKIFCCHGGLSPDLQSMEQIRRIMRPTDVPDQGLLCDLLWSDPDKDVLGWGENDRGVSFTFGAEVVAK
FLHKHDLDLICRAHQVVEDGYEFFAKRQLVTLFSAPNYCGEFDNAGAMMSVDETLMCSFQILKPAEKKKPNATRPVTPPR
GMITKQAKK
;
A,B
2 'polypeptide(L)'
;MAASTASHRPIKGILKNKTSAASPPVVPSAEQPRPIVEEELSKKSQKWDEMNILATYHPADKDYGLMKIDEPNTPYHNMI
GDDEDAYSDSEGNEVMTPDILAKKLAAAEGSEPKYRTREQESSGEEDNDLSPEEREKKRQFEMKRKLHYNEGLNIKLARQ
LISKDLHDDDEDEEMAETADGDSMNVEESSQGSTTSDHLQHKSQSS
;
I,J
#
loop_
_chem_comp.id
_chem_comp.type
_chem_comp.name
_chem_comp.formula
MN non-polymer 'MANGANESE (II) ION' 'Mn 2'
#
# COMPACT_ATOMS: atom_id res chain seq x y z
N LYS A 12 -21.91 41.11 45.58
CA LYS A 12 -22.18 41.72 44.23
C LYS A 12 -21.16 41.29 43.16
N LEU A 13 -21.65 40.49 42.21
CA LEU A 13 -20.85 39.80 41.22
C LEU A 13 -21.14 40.39 39.84
N ASN A 14 -20.07 40.73 39.12
CA ASN A 14 -20.21 41.32 37.80
C ASN A 14 -20.13 40.25 36.70
N ILE A 15 -21.27 39.65 36.37
CA ILE A 15 -21.30 38.57 35.41
C ILE A 15 -20.87 38.99 34.00
N ASP A 16 -21.29 40.18 33.55
CA ASP A 16 -20.92 40.67 32.22
C ASP A 16 -19.41 40.85 32.07
N SER A 17 -18.77 41.29 33.14
CA SER A 17 -17.33 41.47 33.17
C SER A 17 -16.60 40.12 33.21
N ILE A 18 -17.16 39.17 33.95
CA ILE A 18 -16.56 37.84 34.03
C ILE A 18 -16.56 37.21 32.65
N ILE A 19 -17.73 37.21 32.00
CA ILE A 19 -17.88 36.67 30.66
C ILE A 19 -16.97 37.36 29.63
N GLN A 20 -17.00 38.71 29.59
CA GLN A 20 -16.13 39.49 28.71
C GLN A 20 -14.70 39.04 28.85
N ARG A 21 -14.21 38.99 30.08
CA ARG A 21 -12.81 38.60 30.33
C ARG A 21 -12.50 37.17 29.88
N LEU A 22 -13.44 36.26 30.10
CA LEU A 22 -13.25 34.86 29.71
C LEU A 22 -13.27 34.75 28.18
N LEU A 23 -14.10 35.57 27.56
CA LEU A 23 -14.25 35.59 26.11
C LEU A 23 -13.13 36.35 25.39
N GLU A 24 -12.30 37.07 26.15
CA GLU A 24 -11.24 37.91 25.58
C GLU A 24 -10.17 37.14 24.81
N VAL A 25 -9.95 35.87 25.19
CA VAL A 25 -8.91 35.04 24.57
C VAL A 25 -9.36 34.36 23.26
N ARG A 26 -10.54 34.71 22.76
CA ARG A 26 -11.15 34.04 21.61
C ARG A 26 -10.31 33.83 20.36
N GLY A 27 -9.45 34.79 20.03
CA GLY A 27 -8.61 34.61 18.85
C GLY A 27 -7.27 33.96 19.14
N SER A 28 -6.89 33.94 20.42
CA SER A 28 -5.54 33.58 20.83
C SER A 28 -5.13 32.15 20.52
N LYS A 29 -3.84 31.89 20.61
CA LYS A 29 -3.34 30.51 20.48
C LYS A 29 -3.78 29.68 21.70
N PRO A 30 -4.25 28.46 21.45
CA PRO A 30 -4.67 27.53 22.52
C PRO A 30 -3.78 27.58 23.77
N GLY A 31 -4.40 27.76 24.94
CA GLY A 31 -3.69 27.68 26.20
C GLY A 31 -3.46 28.98 26.96
N LYS A 32 -3.88 30.11 26.36
CA LYS A 32 -3.81 31.41 27.03
C LYS A 32 -4.78 31.44 28.22
N ASN A 33 -4.23 31.66 29.41
CA ASN A 33 -5.02 31.65 30.63
C ASN A 33 -5.86 32.91 30.81
N VAL A 34 -6.94 32.77 31.56
CA VAL A 34 -7.71 33.92 32.01
C VAL A 34 -7.63 33.89 33.53
N GLN A 35 -7.23 35.01 34.13
CA GLN A 35 -7.09 35.09 35.57
C GLN A 35 -8.22 35.90 36.20
N LEU A 36 -9.27 35.20 36.64
CA LEU A 36 -10.33 35.83 37.43
C LEU A 36 -9.89 35.91 38.87
N GLN A 37 -10.58 36.71 39.66
CA GLN A 37 -10.29 36.81 41.07
C GLN A 37 -10.91 35.66 41.83
N GLU A 38 -10.26 35.23 42.90
CA GLU A 38 -10.75 34.14 43.74
C GLU A 38 -12.21 34.35 44.14
N ASN A 39 -12.53 35.56 44.64
CA ASN A 39 -13.89 35.85 45.12
C ASN A 39 -14.94 35.75 44.02
N GLU A 40 -14.55 36.12 42.80
CA GLU A 40 -15.41 35.99 41.63
C GLU A 40 -15.73 34.53 41.31
N ILE A 41 -14.71 33.68 41.42
CA ILE A 41 -14.91 32.27 41.16
C ILE A 41 -15.84 31.66 42.21
N ARG A 42 -15.60 31.99 43.49
CA ARG A 42 -16.54 31.63 44.57
C ARG A 42 -17.96 32.12 44.27
N GLY A 43 -18.08 33.35 43.76
CA GLY A 43 -19.37 33.92 43.43
C GLY A 43 -20.10 33.07 42.41
N LEU A 44 -19.38 32.69 41.35
CA LEU A 44 -19.91 31.83 40.31
C LEU A 44 -20.44 30.52 40.90
N CYS A 45 -19.67 29.92 41.81
CA CYS A 45 -20.05 28.66 42.43
C CYS A 45 -21.30 28.79 43.28
N LEU A 46 -21.34 29.84 44.10
CA LEU A 46 -22.44 30.08 45.04
C LEU A 46 -23.74 30.43 44.32
N LYS A 47 -23.64 31.39 43.40
CA LYS A 47 -24.79 31.77 42.58
C LYS A 47 -25.32 30.63 41.69
N SER A 48 -24.42 29.87 41.05
CA SER A 48 -24.86 28.71 40.25
C SER A 48 -25.46 27.59 41.11
N ARG A 49 -24.82 27.32 42.24
CA ARG A 49 -25.34 26.30 43.16
C ARG A 49 -26.79 26.60 43.55
N GLU A 50 -27.05 27.88 43.84
CA GLU A 50 -28.37 28.38 44.18
C GLU A 50 -29.38 28.09 43.07
N ILE A 51 -29.02 28.44 41.82
CA ILE A 51 -29.89 28.18 40.66
C ILE A 51 -30.15 26.68 40.43
N PHE A 52 -29.11 25.85 40.50
CA PHE A 52 -29.26 24.40 40.34
C PHE A 52 -30.30 23.87 41.30
N LEU A 53 -30.21 24.29 42.57
CA LEU A 53 -31.08 23.77 43.63
C LEU A 53 -32.51 24.22 43.44
N SER A 54 -32.68 25.36 42.81
CA SER A 54 -34.00 25.91 42.57
C SER A 54 -34.64 25.36 41.30
N GLN A 55 -33.89 24.71 40.43
CA GLN A 55 -34.50 24.06 39.27
C GLN A 55 -34.56 22.54 39.49
N PRO A 56 -35.44 21.84 38.77
CA PRO A 56 -35.61 20.39 38.96
C PRO A 56 -34.31 19.61 38.71
N ILE A 57 -34.21 18.43 39.33
CA ILE A 57 -33.04 17.58 39.16
C ILE A 57 -33.20 16.81 37.84
N LEU A 58 -34.43 16.75 37.37
CA LEU A 58 -34.77 16.17 36.09
C LEU A 58 -35.36 17.27 35.21
N LEU A 59 -34.54 17.82 34.32
CA LEU A 59 -34.96 18.98 33.54
C LEU A 59 -35.95 18.59 32.48
N GLU A 60 -37.04 19.32 32.39
CA GLU A 60 -37.91 19.17 31.22
C GLU A 60 -37.72 20.39 30.32
N LEU A 61 -37.18 20.14 29.13
CA LEU A 61 -36.73 21.19 28.23
C LEU A 61 -37.44 21.18 26.89
N GLU A 62 -37.49 22.34 26.25
CA GLU A 62 -38.06 22.50 24.90
C GLU A 62 -36.97 22.66 23.87
N ALA A 63 -37.17 22.11 22.69
CA ALA A 63 -36.33 22.44 21.55
C ALA A 63 -36.71 23.87 21.10
N PRO A 64 -35.85 24.60 20.38
CA PRO A 64 -34.57 24.09 19.88
C PRO A 64 -33.44 24.26 20.88
N LEU A 65 -32.40 23.43 20.75
CA LEU A 65 -31.23 23.55 21.60
C LEU A 65 -30.07 22.76 21.03
N LYS A 66 -28.87 23.06 21.54
CA LYS A 66 -27.68 22.31 21.16
C LYS A 66 -27.21 21.48 22.34
N ILE A 67 -26.91 20.21 22.08
CA ILE A 67 -26.44 19.32 23.14
C ILE A 67 -24.97 18.96 22.95
N CYS A 68 -24.16 19.16 24.00
CA CYS A 68 -22.73 18.87 23.98
C CYS A 68 -22.33 17.81 25.00
N GLY A 69 -21.34 17.00 24.61
CA GLY A 69 -20.73 16.01 25.49
C GLY A 69 -19.47 16.51 26.15
N ASP A 70 -18.56 15.59 26.50
CA ASP A 70 -17.39 15.92 27.35
C ASP A 70 -16.53 17.05 26.81
N ILE A 71 -16.03 17.89 27.71
CA ILE A 71 -15.12 18.98 27.35
C ILE A 71 -13.78 18.81 28.02
N HIS A 72 -13.79 18.29 29.25
CA HIS A 72 -12.57 17.97 30.00
C HIS A 72 -11.52 19.09 29.90
N GLY A 73 -11.90 20.30 30.30
CA GLY A 73 -10.98 21.42 30.40
C GLY A 73 -10.34 21.89 29.09
N GLN A 74 -10.91 21.50 27.95
CA GLN A 74 -10.40 21.94 26.66
C GLN A 74 -11.07 23.25 26.27
N TYR A 75 -10.65 24.31 26.95
CA TYR A 75 -11.30 25.62 26.84
C TYR A 75 -11.36 26.18 25.43
N TYR A 76 -10.23 26.11 24.74
CA TYR A 76 -10.14 26.53 23.35
C TYR A 76 -11.21 25.83 22.52
N ASP A 77 -11.43 24.55 22.79
CA ASP A 77 -12.45 23.79 22.09
C ASP A 77 -13.86 24.15 22.51
N LEU A 78 -14.05 24.48 23.79
CA LEU A 78 -15.33 25.06 24.20
C LEU A 78 -15.66 26.34 23.40
N LEU A 79 -14.66 27.20 23.23
CA LEU A 79 -14.87 28.41 22.42
C LEU A 79 -15.15 28.12 20.95
N ARG A 80 -14.53 27.06 20.41
CA ARG A 80 -14.83 26.63 19.03
C ARG A 80 -16.27 26.15 18.88
N LEU A 81 -16.82 25.47 19.90
CA LEU A 81 -18.21 25.01 19.90
C LEU A 81 -19.21 26.16 19.87
N PHE A 82 -19.02 27.16 20.73
CA PHE A 82 -19.89 28.34 20.74
C PHE A 82 -19.77 29.12 19.43
N GLU A 83 -18.56 29.19 18.88
CA GLU A 83 -18.30 29.80 17.57
C GLU A 83 -19.15 29.16 16.47
N TYR A 84 -19.20 27.84 16.46
CA TYR A 84 -19.96 27.08 15.49
C TYR A 84 -21.48 27.15 15.77
N GLY A 85 -21.88 27.05 17.03
CA GLY A 85 -23.28 26.93 17.37
C GLY A 85 -23.99 28.23 17.71
N GLY A 86 -23.22 29.25 18.04
CA GLY A 86 -23.76 30.52 18.45
C GLY A 86 -23.49 30.72 19.93
N PHE A 87 -22.84 31.83 20.27
CA PHE A 87 -22.66 32.19 21.67
C PHE A 87 -24.03 32.47 22.32
N PRO A 88 -24.23 32.04 23.56
CA PRO A 88 -25.47 32.37 24.29
C PRO A 88 -25.67 33.89 24.31
N PRO A 89 -26.89 34.39 24.09
CA PRO A 89 -28.11 33.58 23.97
C PRO A 89 -28.55 33.25 22.55
N GLU A 90 -27.69 33.44 21.54
CA GLU A 90 -28.04 33.13 20.15
C GLU A 90 -28.65 31.75 20.04
N SER A 91 -28.14 30.81 20.85
CA SER A 91 -28.62 29.44 20.85
C SER A 91 -28.81 28.98 22.28
N ASN A 92 -29.70 28.00 22.47
CA ASN A 92 -29.86 27.34 23.77
C ASN A 92 -28.93 26.12 23.88
N TYR A 93 -28.40 25.90 25.08
CA TYR A 93 -27.44 24.82 25.30
C TYR A 93 -27.80 23.85 26.42
N LEU A 94 -27.55 22.57 26.18
CA LEU A 94 -27.53 21.54 27.21
C LEU A 94 -26.20 20.79 27.13
N PHE A 95 -25.43 20.84 28.21
CA PHE A 95 -24.17 20.11 28.31
C PHE A 95 -24.35 18.87 29.18
N LEU A 96 -23.69 17.79 28.80
CA LEU A 96 -23.90 16.50 29.45
C LEU A 96 -22.94 16.15 30.60
N GLY A 97 -22.03 17.06 30.94
CA GLY A 97 -21.11 16.81 32.04
C GLY A 97 -19.66 16.70 31.63
N ASP A 98 -18.81 16.36 32.60
CA ASP A 98 -17.38 16.20 32.38
C ASP A 98 -16.73 17.48 31.85
N TYR A 99 -16.80 18.53 32.66
CA TYR A 99 -16.27 19.84 32.30
C TYR A 99 -14.83 19.98 32.73
N VAL A 100 -14.48 19.28 33.80
CA VAL A 100 -13.16 19.41 34.44
C VAL A 100 -12.35 18.13 34.29
N ASP A 101 -11.08 18.19 34.71
CA ASP A 101 -10.15 17.06 34.61
C ASP A 101 -9.59 16.87 33.20
N ARG A 102 -8.44 16.21 33.14
CA ARG A 102 -7.82 15.73 31.90
C ARG A 102 -7.11 16.86 31.16
N GLY A 103 -7.81 17.97 30.92
CA GLY A 103 -7.28 19.08 30.13
C GLY A 103 -6.50 20.15 30.88
N LYS A 104 -5.98 21.13 30.14
CA LYS A 104 -5.16 22.20 30.74
C LYS A 104 -5.95 23.26 31.49
N GLN A 105 -7.19 23.49 31.09
CA GLN A 105 -7.93 24.67 31.53
C GLN A 105 -9.34 24.34 32.03
N SER A 106 -9.40 23.55 33.09
CA SER A 106 -10.66 23.19 33.73
C SER A 106 -11.35 24.43 34.27
N LEU A 107 -10.55 25.31 34.86
CA LEU A 107 -11.07 26.52 35.51
C LEU A 107 -11.76 27.47 34.53
N GLU A 108 -11.09 27.81 33.43
CA GLU A 108 -11.73 28.66 32.42
C GLU A 108 -13.00 28.00 31.90
N THR A 109 -12.94 26.69 31.68
CA THR A 109 -14.06 25.93 31.14
C THR A 109 -15.27 25.97 32.08
N ILE A 110 -15.09 25.56 33.32
CA ILE A 110 -16.25 25.54 34.22
C ILE A 110 -16.75 26.96 34.50
N CYS A 111 -15.82 27.91 34.64
CA CYS A 111 -16.18 29.29 34.93
C CYS A 111 -17.07 29.90 33.84
N LEU A 112 -16.69 29.72 32.57
CA LEU A 112 -17.54 30.23 31.51
C LEU A 112 -18.93 29.57 31.52
N LEU A 113 -18.97 28.28 31.80
CA LEU A 113 -20.23 27.54 31.82
C LEU A 113 -21.11 27.98 33.00
N LEU A 114 -20.49 28.07 34.18
CA LEU A 114 -21.16 28.61 35.36
C LEU A 114 -21.65 30.04 35.14
N ALA A 115 -20.83 30.88 34.51
CA ALA A 115 -21.20 32.27 34.25
C ALA A 115 -22.42 32.34 33.32
N TYR A 116 -22.45 31.50 32.28
CA TYR A 116 -23.57 31.47 31.35
C TYR A 116 -24.82 30.89 32.01
N LYS A 117 -24.63 29.98 32.94
CA LYS A 117 -25.74 29.43 33.72
C LYS A 117 -26.43 30.56 34.48
N ILE A 118 -25.64 31.39 35.14
CA ILE A 118 -26.14 32.53 35.87
C ILE A 118 -26.77 33.62 34.98
N LYS A 119 -26.17 33.86 33.83
CA LYS A 119 -26.71 34.88 32.92
C LYS A 119 -28.00 34.46 32.21
N TYR A 120 -28.06 33.21 31.76
CA TYR A 120 -29.26 32.75 31.06
C TYR A 120 -29.81 31.46 31.67
N PRO A 121 -30.39 31.58 32.86
CA PRO A 121 -30.70 30.39 33.67
C PRO A 121 -31.77 29.48 33.08
N GLU A 122 -32.58 29.97 32.14
CA GLU A 122 -33.59 29.11 31.50
C GLU A 122 -33.30 28.79 30.04
N ASN A 123 -32.09 29.11 29.58
CA ASN A 123 -31.72 28.84 28.19
C ASN A 123 -30.37 28.15 28.10
N PHE A 124 -29.78 27.84 29.25
CA PHE A 124 -28.45 27.27 29.34
C PHE A 124 -28.40 26.24 30.48
N PHE A 125 -28.07 25.00 30.14
CA PHE A 125 -28.17 23.89 31.11
C PHE A 125 -26.91 23.03 31.21
N LEU A 126 -26.66 22.54 32.42
CA LEU A 126 -25.48 21.71 32.70
C LEU A 126 -25.85 20.51 33.53
N LEU A 127 -25.63 19.31 32.99
CA LEU A 127 -25.85 18.08 33.75
C LEU A 127 -24.57 17.68 34.46
N ARG A 128 -24.69 16.74 35.40
CA ARG A 128 -23.54 16.23 36.13
C ARG A 128 -22.92 15.06 35.38
N GLY A 129 -21.60 15.06 35.27
CA GLY A 129 -20.85 13.93 34.77
C GLY A 129 -20.11 13.21 35.89
N ASN A 130 -19.45 12.10 35.58
CA ASN A 130 -18.76 11.34 36.64
C ASN A 130 -17.52 12.06 37.15
N HIS A 131 -17.00 12.99 36.36
CA HIS A 131 -15.90 13.83 36.79
C HIS A 131 -16.33 15.04 37.61
N GLU A 132 -17.64 15.28 37.73
CA GLU A 132 -18.12 16.34 38.62
C GLU A 132 -18.34 15.75 40.00
N CYS A 133 -17.26 15.16 40.53
CA CYS A 133 -17.31 14.35 41.72
C CYS A 133 -15.93 14.31 42.40
N ALA A 134 -15.90 14.59 43.70
CA ALA A 134 -14.63 14.70 44.44
C ALA A 134 -13.77 13.44 44.34
N SER A 135 -14.42 12.28 44.29
CA SER A 135 -13.69 11.03 44.18
C SER A 135 -12.90 10.86 42.88
N ILE A 136 -13.24 11.65 41.86
CA ILE A 136 -12.57 11.56 40.58
C ILE A 136 -11.71 12.81 40.39
N ASN A 137 -12.29 13.96 40.77
CA ASN A 137 -11.66 15.28 40.81
C ASN A 137 -10.35 15.40 41.57
N ARG A 138 -10.22 14.68 42.70
CA ARG A 138 -9.00 14.77 43.48
C ARG A 138 -7.80 14.41 42.65
N ILE A 139 -8.00 13.41 41.79
CA ILE A 139 -6.91 12.70 41.15
C ILE A 139 -6.67 13.06 39.67
N TYR A 140 -7.73 13.39 38.93
CA TYR A 140 -7.64 13.48 37.46
C TYR A 140 -7.40 14.89 36.91
N GLY A 141 -6.95 15.80 37.77
CA GLY A 141 -6.44 17.09 37.35
C GLY A 141 -7.02 18.33 38.01
N PHE A 142 -8.30 18.30 38.36
CA PHE A 142 -8.98 19.51 38.80
C PHE A 142 -8.46 20.02 40.13
N TYR A 143 -8.37 19.14 41.12
CA TYR A 143 -7.74 19.47 42.39
C TYR A 143 -6.35 20.09 42.18
N ASP A 144 -5.49 19.42 41.40
CA ASP A 144 -4.15 19.92 41.13
C ASP A 144 -4.20 21.30 40.48
N GLU A 145 -5.20 21.53 39.64
CA GLU A 145 -5.33 22.81 38.95
C GLU A 145 -5.71 23.91 39.95
N CYS A 146 -6.72 23.65 40.77
CA CYS A 146 -7.13 24.58 41.82
C CYS A 146 -5.98 24.96 42.76
N LYS A 147 -5.21 23.97 43.19
CA LYS A 147 -4.07 24.17 44.08
C LYS A 147 -2.96 25.02 43.44
N ARG A 148 -2.64 24.74 42.18
CA ARG A 148 -1.57 25.42 41.48
C ARG A 148 -1.91 26.89 41.27
N ARG A 149 -3.18 27.17 40.99
CA ARG A 149 -3.55 28.50 40.53
C ARG A 149 -4.24 29.35 41.59
N TYR A 150 -4.76 28.71 42.61
CA TYR A 150 -5.48 29.38 43.69
C TYR A 150 -5.18 28.63 44.99
N ASN A 151 -6.13 27.85 45.50
CA ASN A 151 -5.91 27.06 46.72
C ASN A 151 -6.84 25.84 46.77
N ILE A 152 -6.60 24.94 47.71
CA ILE A 152 -7.43 23.77 47.95
C ILE A 152 -8.87 24.16 48.35
N LYS A 153 -9.01 25.27 49.07
CA LYS A 153 -10.33 25.74 49.50
C LYS A 153 -11.25 25.96 48.31
N LEU A 154 -10.70 26.43 47.19
CA LEU A 154 -11.51 26.68 46.00
C LEU A 154 -12.07 25.37 45.44
N TRP A 155 -11.24 24.32 45.47
CA TRP A 155 -11.64 22.99 45.04
C TRP A 155 -12.80 22.49 45.91
N LYS A 156 -12.72 22.70 47.21
CA LYS A 156 -13.82 22.36 48.12
C LYS A 156 -15.10 23.10 47.78
N THR A 157 -14.98 24.37 47.39
CA THR A 157 -16.14 25.16 46.94
C THR A 157 -16.76 24.59 45.66
N PHE A 158 -15.92 24.25 44.69
CA PHE A 158 -16.40 23.58 43.47
C PHE A 158 -17.15 22.28 43.78
N THR A 159 -16.59 21.46 44.66
CA THR A 159 -17.22 20.22 45.07
C THR A 159 -18.64 20.48 45.56
N ASP A 160 -18.78 21.51 46.38
CA ASP A 160 -20.09 21.88 46.90
C ASP A 160 -21.07 22.26 45.82
N CYS A 161 -20.59 23.00 44.82
CA CYS A 161 -21.39 23.38 43.67
C CYS A 161 -21.80 22.15 42.83
N PHE A 162 -20.83 21.29 42.47
CA PHE A 162 -21.04 20.08 41.68
C PHE A 162 -22.09 19.13 42.25
N ASN A 163 -22.05 18.97 43.57
CA ASN A 163 -23.01 18.13 44.30
C ASN A 163 -24.49 18.54 44.11
N CYS A 164 -24.74 19.73 43.55
CA CYS A 164 -26.11 20.17 43.31
C CYS A 164 -26.55 20.13 41.84
N LEU A 165 -25.65 19.72 40.95
CA LEU A 165 -25.94 19.69 39.51
C LEU A 165 -27.09 18.74 39.25
N PRO A 166 -27.94 19.09 38.26
CA PRO A 166 -29.03 18.20 37.85
C PRO A 166 -28.45 16.98 37.15
N ILE A 167 -29.27 15.95 37.01
CA ILE A 167 -28.74 14.65 36.69
C ILE A 167 -29.20 14.14 35.35
N ALA A 168 -30.37 14.55 34.91
CA ALA A 168 -30.88 14.19 33.59
C ALA A 168 -31.81 15.26 33.02
N ALA A 169 -32.04 15.19 31.73
CA ALA A 169 -32.97 16.09 31.09
C ALA A 169 -33.81 15.30 30.09
N ILE A 170 -35.07 15.71 29.95
CA ILE A 170 -35.94 15.21 28.87
C ILE A 170 -36.31 16.37 27.96
N VAL A 171 -35.97 16.21 26.69
CA VAL A 171 -36.24 17.25 25.69
C VAL A 171 -37.54 16.92 24.96
N ASP A 172 -38.53 17.80 25.13
CA ASP A 172 -39.86 17.67 24.52
C ASP A 172 -40.48 16.28 24.65
N GLU A 173 -40.30 15.69 25.83
CA GLU A 173 -40.93 14.40 26.16
C GLU A 173 -40.45 13.27 25.25
N LYS A 174 -39.36 13.48 24.52
CA LYS A 174 -38.90 12.49 23.54
C LYS A 174 -37.44 12.05 23.64
N ILE A 175 -36.57 12.96 24.08
CA ILE A 175 -35.13 12.69 24.12
C ILE A 175 -34.64 12.68 25.56
N PHE A 176 -34.20 11.52 26.02
CA PHE A 176 -33.72 11.37 27.39
C PHE A 176 -32.20 11.59 27.37
N CYS A 177 -31.73 12.53 28.17
CA CYS A 177 -30.31 12.86 28.21
C CYS A 177 -29.77 12.63 29.60
N CYS A 178 -28.63 11.94 29.68
CA CYS A 178 -27.86 11.93 30.93
C CYS A 178 -26.42 11.63 30.57
N HIS A 179 -25.52 11.73 31.53
CA HIS A 179 -24.12 11.58 31.23
C HIS A 179 -23.69 10.17 30.75
N GLY A 180 -23.98 9.15 31.55
CA GLY A 180 -23.50 7.81 31.26
C GLY A 180 -24.52 6.99 30.49
N GLY A 181 -25.58 6.59 31.17
CA GLY A 181 -26.65 5.91 30.49
C GLY A 181 -27.66 5.38 31.46
N LEU A 182 -28.21 4.23 31.14
CA LEU A 182 -29.30 3.66 31.89
C LEU A 182 -28.84 3.00 33.19
N SER A 183 -29.81 2.63 34.01
CA SER A 183 -29.55 1.91 35.25
C SER A 183 -30.51 0.75 35.30
N PRO A 184 -30.07 -0.40 35.79
CA PRO A 184 -31.01 -1.50 36.05
C PRO A 184 -32.07 -1.09 37.08
N ASP A 185 -31.78 -0.06 37.87
CA ASP A 185 -32.70 0.44 38.86
C ASP A 185 -33.61 1.57 38.36
N LEU A 186 -33.50 1.94 37.08
CA LEU A 186 -34.33 3.03 36.56
C LEU A 186 -35.66 2.51 36.03
N GLN A 187 -36.66 2.48 36.91
CA GLN A 187 -37.97 1.98 36.51
C GLN A 187 -38.96 3.13 36.28
N SER A 188 -38.79 4.21 37.04
CA SER A 188 -39.67 5.36 36.98
C SER A 188 -38.86 6.66 37.01
N MET A 189 -39.27 7.63 36.18
CA MET A 189 -38.63 8.94 36.15
C MET A 189 -38.69 9.62 37.51
N GLU A 190 -39.70 9.25 38.29
CA GLU A 190 -39.90 9.74 39.65
C GLU A 190 -38.73 9.38 40.57
N GLN A 191 -38.06 8.26 40.30
CA GLN A 191 -36.89 7.87 41.07
C GLN A 191 -35.78 8.89 40.92
N ILE A 192 -35.64 9.48 39.73
CA ILE A 192 -34.64 10.52 39.53
C ILE A 192 -35.08 11.77 40.28
N ARG A 193 -36.35 12.14 40.13
CA ARG A 193 -36.92 13.29 40.81
C ARG A 193 -36.77 13.21 42.34
N ARG A 194 -36.75 11.98 42.89
CA ARG A 194 -36.63 11.78 44.35
C ARG A 194 -35.22 11.94 44.92
N ILE A 195 -34.21 11.99 44.05
CA ILE A 195 -32.84 12.18 44.53
C ILE A 195 -32.70 13.59 45.12
N MET A 196 -32.18 13.66 46.35
CA MET A 196 -32.01 14.92 47.07
C MET A 196 -30.60 15.46 46.92
N ARG A 197 -30.47 16.77 46.93
CA ARG A 197 -29.20 17.45 46.75
C ARG A 197 -29.00 18.44 47.87
N PRO A 198 -27.76 18.78 48.25
CA PRO A 198 -26.52 18.23 47.66
C PRO A 198 -26.34 16.75 47.94
N THR A 199 -25.66 16.08 47.03
CA THR A 199 -25.36 14.67 47.20
C THR A 199 -24.04 14.33 46.52
N ASP A 200 -23.32 13.42 47.13
CA ASP A 200 -22.15 12.87 46.51
C ASP A 200 -22.62 11.74 45.60
N VAL A 201 -21.77 11.29 44.69
CA VAL A 201 -22.11 10.16 43.83
C VAL A 201 -21.80 8.85 44.55
N PRO A 202 -22.80 8.01 44.76
CA PRO A 202 -22.58 6.73 45.45
C PRO A 202 -21.74 5.74 44.63
N ASP A 203 -21.33 4.64 45.26
CA ASP A 203 -20.50 3.63 44.63
C ASP A 203 -21.30 2.68 43.77
N GLN A 204 -22.60 2.65 44.02
CA GLN A 204 -23.51 1.80 43.27
C GLN A 204 -24.91 2.37 43.36
N GLY A 205 -25.82 1.87 42.53
CA GLY A 205 -27.20 2.31 42.53
C GLY A 205 -27.51 3.31 41.43
N LEU A 206 -28.75 3.80 41.44
CA LEU A 206 -29.31 4.66 40.40
C LEU A 206 -28.40 5.82 39.97
N LEU A 207 -28.03 6.68 40.92
CA LEU A 207 -27.24 7.87 40.59
C LEU A 207 -25.87 7.52 40.02
N CYS A 208 -25.28 6.44 40.48
CA CYS A 208 -23.97 6.04 40.03
C CYS A 208 -24.07 5.57 38.57
N ASP A 209 -25.11 4.79 38.27
CA ASP A 209 -25.34 4.26 36.93
C ASP A 209 -25.62 5.33 35.88
N LEU A 210 -26.43 6.34 36.24
CA LEU A 210 -26.74 7.42 35.34
C LEU A 210 -25.47 8.16 34.88
N LEU A 211 -24.41 8.08 35.69
CA LEU A 211 -23.21 8.82 35.36
C LEU A 211 -22.07 7.91 34.90
N TRP A 212 -22.27 6.59 34.99
CA TRP A 212 -21.15 5.67 34.83
C TRP A 212 -21.36 4.57 33.81
N SER A 213 -22.61 4.23 33.52
CA SER A 213 -22.87 3.10 32.65
C SER A 213 -22.50 3.35 31.17
N ASP A 214 -22.33 2.25 30.41
CA ASP A 214 -21.99 2.29 29.00
C ASP A 214 -22.86 1.34 28.17
N PRO A 215 -23.20 1.72 26.93
CA PRO A 215 -23.84 0.80 25.99
C PRO A 215 -22.80 -0.22 25.53
N ASP A 216 -23.23 -1.44 25.26
CA ASP A 216 -22.31 -2.45 24.72
C ASP A 216 -23.02 -3.44 23.80
N LYS A 217 -22.71 -3.30 22.51
CA LYS A 217 -23.09 -4.21 21.43
C LYS A 217 -23.13 -5.71 21.78
N ASP A 218 -22.13 -6.18 22.50
CA ASP A 218 -21.95 -7.62 22.72
C ASP A 218 -22.61 -8.15 23.96
N VAL A 219 -23.29 -7.29 24.69
CA VAL A 219 -23.89 -7.65 25.97
C VAL A 219 -25.38 -7.87 25.76
N LEU A 220 -25.89 -8.95 26.34
CA LEU A 220 -27.33 -9.16 26.41
C LEU A 220 -27.82 -8.73 27.80
N GLY A 221 -28.77 -7.81 27.84
CA GLY A 221 -29.30 -7.31 29.10
C GLY A 221 -28.33 -6.39 29.81
N TRP A 222 -28.03 -6.72 31.07
CA TRP A 222 -27.05 -5.98 31.86
C TRP A 222 -25.78 -6.81 32.11
N GLY A 223 -24.64 -6.19 31.88
CA GLY A 223 -23.38 -6.87 31.99
C GLY A 223 -22.39 -6.11 32.84
N GLU A 224 -21.21 -6.70 33.03
CA GLU A 224 -20.19 -6.08 33.85
C GLU A 224 -19.49 -4.97 33.08
N ASN A 225 -18.95 -4.01 33.82
CA ASN A 225 -18.30 -2.87 33.19
C ASN A 225 -16.81 -2.87 33.45
N ASP A 226 -16.03 -2.90 32.38
CA ASP A 226 -14.57 -2.87 32.45
C ASP A 226 -14.04 -1.74 33.33
N ARG A 227 -14.81 -0.65 33.44
CA ARG A 227 -14.45 0.44 34.34
C ARG A 227 -14.26 -0.02 35.80
N GLY A 228 -14.93 -1.10 36.20
CA GLY A 228 -14.95 -1.51 37.60
C GLY A 228 -16.00 -0.75 38.42
N VAL A 229 -16.88 -0.04 37.73
CA VAL A 229 -17.98 0.68 38.36
C VAL A 229 -19.18 0.49 37.44
N SER A 230 -20.35 0.28 38.04
CA SER A 230 -21.62 0.24 37.31
C SER A 230 -21.66 -0.90 36.28
N PHE A 231 -22.41 -0.72 35.20
CA PHE A 231 -22.72 -1.82 34.27
C PHE A 231 -22.60 -1.43 32.80
N THR A 232 -22.74 -2.43 31.95
CA THR A 232 -22.95 -2.20 30.54
C THR A 232 -24.37 -2.64 30.25
N PHE A 233 -24.97 -2.07 29.21
CA PHE A 233 -26.30 -2.49 28.79
C PHE A 233 -26.36 -2.72 27.29
N GLY A 234 -27.16 -3.69 26.87
CA GLY A 234 -27.32 -4.06 25.48
C GLY A 234 -28.38 -3.23 24.76
N ALA A 235 -28.49 -3.46 23.46
CA ALA A 235 -29.39 -2.70 22.57
C ALA A 235 -30.86 -2.89 22.94
N GLU A 236 -31.23 -4.10 23.31
CA GLU A 236 -32.62 -4.38 23.57
C GLU A 236 -33.06 -3.70 24.86
N VAL A 237 -32.13 -3.52 25.79
CA VAL A 237 -32.39 -2.72 26.98
C VAL A 237 -32.80 -1.28 26.62
N VAL A 238 -32.07 -0.66 25.70
CA VAL A 238 -32.41 0.67 25.17
C VAL A 238 -33.81 0.66 24.51
N ALA A 239 -34.05 -0.30 23.64
CA ALA A 239 -35.32 -0.44 22.93
C ALA A 239 -36.52 -0.54 23.89
N LYS A 240 -36.41 -1.39 24.91
CA LYS A 240 -37.47 -1.57 25.88
C LYS A 240 -37.79 -0.28 26.63
N PHE A 241 -36.72 0.40 27.03
CA PHE A 241 -36.80 1.64 27.79
C PHE A 241 -37.57 2.73 27.03
N LEU A 242 -37.23 2.92 25.76
CA LEU A 242 -37.85 3.94 24.93
C LEU A 242 -39.33 3.59 24.76
N HIS A 243 -39.59 2.32 24.50
CA HIS A 243 -40.94 1.82 24.37
C HIS A 243 -41.78 2.10 25.61
N LYS A 244 -41.27 1.70 26.79
CA LYS A 244 -42.01 1.85 28.04
C LYS A 244 -42.31 3.30 28.34
N HIS A 245 -41.31 4.16 28.15
CA HIS A 245 -41.44 5.53 28.60
C HIS A 245 -41.86 6.46 27.48
N ASP A 246 -42.17 5.87 26.32
CA ASP A 246 -42.70 6.60 25.16
C ASP A 246 -41.72 7.66 24.62
N LEU A 247 -40.45 7.30 24.58
CA LEU A 247 -39.39 8.18 24.06
C LEU A 247 -38.85 7.72 22.72
N ASP A 248 -38.08 8.57 22.04
CA ASP A 248 -37.46 8.20 20.76
C ASP A 248 -35.94 8.02 20.78
N LEU A 249 -35.26 8.65 21.74
CA LEU A 249 -33.80 8.68 21.70
C LEU A 249 -33.21 8.85 23.07
N ILE A 250 -32.13 8.12 23.33
CA ILE A 250 -31.25 8.42 24.45
C ILE A 250 -30.02 9.15 23.93
N CYS A 251 -29.68 10.25 24.59
CA CYS A 251 -28.50 11.01 24.27
C CYS A 251 -27.57 11.04 25.50
N ARG A 252 -26.35 10.53 25.33
CA ARG A 252 -25.40 10.45 26.44
C ARG A 252 -23.96 10.78 26.00
N ALA A 253 -23.02 10.83 26.94
CA ALA A 253 -21.65 11.20 26.60
C ALA A 253 -20.66 10.11 27.05
N HIS A 254 -19.69 10.48 27.89
CA HIS A 254 -19.02 9.51 28.77
C HIS A 254 -17.89 8.67 28.10
N GLN A 255 -17.98 8.44 26.79
CA GLN A 255 -16.96 7.71 26.04
C GLN A 255 -16.48 8.47 24.81
N VAL A 256 -15.17 8.71 24.73
CA VAL A 256 -14.58 9.29 23.51
C VAL A 256 -14.93 8.38 22.35
N VAL A 257 -15.30 9.00 21.23
CA VAL A 257 -15.65 8.26 20.02
C VAL A 257 -14.97 8.95 18.83
N GLU A 258 -14.61 8.16 17.82
CA GLU A 258 -13.69 8.62 16.77
C GLU A 258 -14.23 9.80 15.96
N ASP A 259 -15.53 9.80 15.70
CA ASP A 259 -16.15 10.85 14.89
C ASP A 259 -16.92 11.90 15.68
N GLY A 260 -16.72 11.94 17.00
CA GLY A 260 -17.39 12.92 17.84
C GLY A 260 -18.78 12.49 18.29
N TYR A 261 -19.45 11.70 17.45
CA TYR A 261 -20.72 11.09 17.82
C TYR A 261 -20.76 9.66 17.29
N GLU A 262 -21.63 8.85 17.87
CA GLU A 262 -21.78 7.45 17.46
C GLU A 262 -23.12 6.90 17.86
N PHE A 263 -23.79 6.27 16.91
CA PHE A 263 -25.10 5.68 17.10
C PHE A 263 -25.00 4.29 17.67
N PHE A 264 -26.08 3.86 18.32
CA PHE A 264 -26.15 2.55 18.95
C PHE A 264 -27.60 2.09 18.88
N ALA A 265 -27.80 0.78 18.76
CA ALA A 265 -29.13 0.15 18.80
C ALA A 265 -30.08 0.73 17.73
N LYS A 266 -29.64 0.67 16.48
CA LYS A 266 -30.37 1.20 15.33
C LYS A 266 -30.79 2.65 15.57
N ARG A 267 -29.86 3.47 16.05
CA ARG A 267 -30.05 4.91 16.21
C ARG A 267 -31.01 5.33 17.34
N GLN A 268 -31.20 4.46 18.31
CA GLN A 268 -32.08 4.78 19.44
C GLN A 268 -31.29 5.38 20.60
N LEU A 269 -29.96 5.31 20.48
CA LEU A 269 -29.05 5.94 21.42
C LEU A 269 -27.91 6.58 20.64
N VAL A 270 -27.49 7.77 21.08
CA VAL A 270 -26.31 8.42 20.53
C VAL A 270 -25.33 8.82 21.63
N THR A 271 -24.04 8.57 21.38
CA THR A 271 -22.97 9.05 22.23
C THR A 271 -22.42 10.35 21.63
N LEU A 272 -22.34 11.41 22.45
CA LEU A 272 -21.75 12.68 22.03
C LEU A 272 -20.51 12.99 22.85
N PHE A 273 -19.47 13.41 22.16
CA PHE A 273 -18.21 13.73 22.82
C PHE A 273 -17.67 14.98 22.13
N SER A 274 -17.45 16.03 22.90
CA SER A 274 -17.22 17.34 22.31
C SER A 274 -15.76 17.82 22.27
N ALA A 275 -14.86 17.09 22.93
CA ALA A 275 -13.46 17.48 22.94
C ALA A 275 -12.69 16.77 21.82
N PRO A 276 -12.34 17.47 20.74
CA PRO A 276 -11.53 16.87 19.67
C PRO A 276 -10.10 16.67 20.17
N ASN A 277 -9.34 15.78 19.54
CA ASN A 277 -7.94 15.53 19.93
C ASN A 277 -7.84 15.27 21.42
N TYR A 278 -8.74 14.43 21.91
CA TYR A 278 -9.00 14.32 23.34
C TYR A 278 -7.73 14.14 24.19
N CYS A 279 -7.55 15.08 25.12
CA CYS A 279 -6.39 15.24 26.00
C CYS A 279 -5.00 14.96 25.40
N GLY A 280 -4.85 15.30 24.12
CA GLY A 280 -3.61 15.06 23.41
C GLY A 280 -3.22 13.60 23.29
N GLU A 281 -4.19 12.71 23.50
CA GLU A 281 -3.92 11.27 23.44
C GLU A 281 -4.64 10.56 22.29
N PHE A 282 -5.75 11.15 21.84
CA PHE A 282 -6.55 10.60 20.77
C PHE A 282 -6.57 11.62 19.65
N ASP A 283 -7.08 11.21 18.49
CA ASP A 283 -7.18 12.10 17.35
C ASP A 283 -8.60 12.05 16.83
N ASN A 284 -9.54 11.84 17.76
CA ASN A 284 -10.96 11.90 17.49
C ASN A 284 -11.43 13.29 17.05
N ALA A 285 -12.58 13.31 16.36
CA ALA A 285 -13.33 14.54 16.16
C ALA A 285 -14.22 14.72 17.40
N GLY A 286 -14.71 15.95 17.61
CA GLY A 286 -15.68 16.23 18.63
C GLY A 286 -16.96 16.65 17.93
N ALA A 287 -18.11 16.34 18.52
CA ALA A 287 -19.39 16.66 17.92
C ALA A 287 -20.30 17.37 18.89
N MET A 288 -21.35 17.98 18.34
CA MET A 288 -22.37 18.70 19.07
C MET A 288 -23.67 18.37 18.33
N MET A 289 -24.78 18.15 19.04
CA MET A 289 -26.02 17.81 18.38
C MET A 289 -27.01 18.96 18.37
N SER A 290 -27.42 19.37 17.17
CA SER A 290 -28.46 20.38 16.99
C SER A 290 -29.83 19.72 16.93
N VAL A 291 -30.71 20.14 17.83
CA VAL A 291 -32.08 19.67 17.85
C VAL A 291 -32.94 20.87 17.51
N ASP A 292 -33.65 20.80 16.38
CA ASP A 292 -34.58 21.89 16.01
C ASP A 292 -36.00 21.68 16.52
N GLU A 293 -36.90 22.57 16.11
CA GLU A 293 -38.23 22.67 16.69
C GLU A 293 -39.12 21.47 16.38
N THR A 294 -38.81 20.75 15.31
CA THR A 294 -39.57 19.55 14.96
C THR A 294 -38.85 18.30 15.47
N LEU A 295 -37.88 18.51 16.35
CA LEU A 295 -36.99 17.46 16.90
C LEU A 295 -36.08 16.76 15.87
N MET A 296 -35.76 17.46 14.79
CA MET A 296 -34.82 16.97 13.78
C MET A 296 -33.38 17.19 14.26
N CYS A 297 -32.60 16.12 14.32
CA CYS A 297 -31.25 16.16 14.90
C CYS A 297 -30.15 16.16 13.85
N SER A 298 -29.22 17.09 14.00
CA SER A 298 -28.05 17.15 13.14
C SER A 298 -26.78 17.38 13.95
N PHE A 299 -25.64 17.14 13.32
CA PHE A 299 -24.36 17.12 14.01
C PHE A 299 -23.34 18.09 13.43
N GLN A 300 -22.80 18.93 14.31
CA GLN A 300 -21.75 19.86 13.93
C GLN A 300 -20.46 19.31 14.46
N ILE A 301 -19.53 19.02 13.54
CA ILE A 301 -18.29 18.37 13.89
C ILE A 301 -17.17 19.37 14.05
N LEU A 302 -16.39 19.22 15.13
CA LEU A 302 -15.08 19.86 15.26
C LEU A 302 -14.01 18.85 14.84
N LYS A 303 -13.42 19.07 13.66
CA LYS A 303 -12.45 18.13 13.07
C LYS A 303 -11.18 18.07 13.90
N PRO A 304 -10.50 16.93 13.89
CA PRO A 304 -9.18 16.80 14.52
C PRO A 304 -8.10 17.65 13.83
N ALA A 305 -7.01 17.92 14.54
CA ALA A 305 -5.91 18.77 14.05
C ALA A 305 -5.30 18.28 12.73
N GLU A 306 -5.25 19.17 11.73
CA GLU A 306 -4.66 18.84 10.41
C GLU A 306 -3.14 18.94 10.47
N LYS B 12 -36.84 34.29 26.04
CA LYS B 12 -37.88 33.20 26.10
C LYS B 12 -37.29 31.83 26.48
N GLY B 13 -37.39 31.50 27.77
CA GLY B 13 -36.86 30.26 28.33
C GLY B 13 -37.38 28.98 27.71
N ILE B 14 -36.64 27.89 27.91
CA ILE B 14 -37.07 26.57 27.45
C ILE B 14 -37.26 25.54 28.59
N LEU B 15 -37.20 25.99 29.85
CA LEU B 15 -37.49 25.11 30.99
C LEU B 15 -38.99 24.98 31.24
N LYS B 16 -39.54 23.80 30.96
CA LYS B 16 -40.97 23.49 31.07
C LYS B 16 -41.44 23.40 32.51
N ASN B 17 -40.59 22.88 33.39
CA ASN B 17 -40.98 22.66 34.78
C ASN B 17 -40.11 23.45 35.75
N LYS B 44 -44.19 15.96 19.54
CA LYS B 44 -43.35 15.93 18.35
C LYS B 44 -42.55 14.61 18.27
N SER B 45 -42.21 14.21 17.05
CA SER B 45 -41.50 12.95 16.80
C SER B 45 -40.07 13.20 16.27
N GLN B 46 -39.10 12.49 16.85
CA GLN B 46 -37.68 12.70 16.55
C GLN B 46 -37.24 12.07 15.22
N LYS B 47 -36.59 12.88 14.38
CA LYS B 47 -36.06 12.46 13.07
C LYS B 47 -34.56 12.75 12.94
N TRP B 48 -33.96 12.26 11.85
CA TRP B 48 -32.54 12.48 11.57
C TRP B 48 -32.31 13.31 10.31
N ASP B 49 -31.37 14.26 10.41
CA ASP B 49 -30.90 15.00 9.24
C ASP B 49 -29.97 14.10 8.45
N GLU B 50 -30.54 13.38 7.48
CA GLU B 50 -29.83 12.35 6.71
C GLU B 50 -28.75 12.93 5.79
N MET B 51 -28.95 14.16 5.33
CA MET B 51 -27.96 14.91 4.55
C MET B 51 -26.73 15.27 5.39
N ASN B 52 -26.95 15.38 6.70
CA ASN B 52 -25.90 15.69 7.66
C ASN B 52 -25.11 14.45 8.13
N ILE B 53 -25.76 13.27 8.12
CA ILE B 53 -25.07 12.01 8.42
C ILE B 53 -24.14 11.61 7.26
N LEU B 54 -24.58 11.92 6.04
CA LEU B 54 -23.78 11.66 4.84
C LEU B 54 -22.56 12.61 4.73
N ALA B 55 -22.75 13.84 5.20
CA ALA B 55 -21.71 14.88 5.13
C ALA B 55 -20.65 14.78 6.23
N THR B 56 -21.01 14.17 7.37
CA THR B 56 -20.10 14.05 8.52
C THR B 56 -19.66 12.61 8.77
N LEU B 130 -16.78 -3.65 7.12
CA LEU B 130 -15.55 -2.91 7.35
C LEU B 130 -14.31 -3.69 6.91
N SER B 131 -13.30 -2.96 6.44
CA SER B 131 -12.03 -3.52 5.97
C SER B 131 -11.26 -4.23 7.09
N PRO B 132 -10.47 -5.26 6.77
CA PRO B 132 -9.58 -5.90 7.76
C PRO B 132 -8.40 -5.02 8.20
N GLU B 133 -8.05 -4.03 7.39
CA GLU B 133 -7.02 -3.06 7.71
C GLU B 133 -7.60 -1.98 8.64
N GLU B 134 -8.87 -1.64 8.41
CA GLU B 134 -9.63 -0.74 9.29
C GLU B 134 -10.08 -1.46 10.57
N ARG B 135 -10.24 -2.78 10.46
CA ARG B 135 -10.57 -3.66 11.60
C ARG B 135 -9.54 -3.52 12.72
N GLU B 136 -8.28 -3.30 12.33
CA GLU B 136 -7.19 -3.17 13.28
C GLU B 136 -7.24 -1.81 13.98
N LYS B 137 -7.32 -0.73 13.18
CA LYS B 137 -7.43 0.64 13.70
C LYS B 137 -8.53 0.80 14.75
N LYS B 138 -9.66 0.14 14.54
CA LYS B 138 -10.78 0.16 15.48
C LYS B 138 -10.46 -0.61 16.76
N ARG B 139 -9.79 -1.74 16.63
CA ARG B 139 -9.41 -2.56 17.78
C ARG B 139 -8.43 -1.80 18.68
N GLN B 140 -7.51 -1.09 18.05
CA GLN B 140 -6.46 -0.34 18.75
C GLN B 140 -7.05 0.86 19.51
N PHE B 141 -8.03 1.53 18.89
CA PHE B 141 -8.74 2.62 19.54
C PHE B 141 -9.51 2.13 20.77
N GLU B 142 -10.19 1.00 20.61
CA GLU B 142 -10.98 0.39 21.67
C GLU B 142 -10.13 0.04 22.89
N MET B 143 -8.87 -0.36 22.64
CA MET B 143 -7.93 -0.75 23.68
C MET B 143 -7.31 0.47 24.36
N LYS B 144 -6.97 1.46 23.54
CA LYS B 144 -6.50 2.75 23.99
C LYS B 144 -7.54 3.35 24.94
N ARG B 145 -8.81 3.27 24.54
CA ARG B 145 -9.89 3.82 25.31
C ARG B 145 -10.11 3.10 26.64
N LYS B 146 -9.99 1.78 26.61
CA LYS B 146 -10.16 0.96 27.80
C LYS B 146 -9.02 1.19 28.80
N LEU B 147 -7.80 1.31 28.28
CA LEU B 147 -6.65 1.72 29.09
C LEU B 147 -6.79 3.10 29.75
N HIS B 148 -7.33 4.06 29.00
CA HIS B 148 -7.57 5.43 29.47
C HIS B 148 -8.59 5.55 30.61
N TYR B 149 -9.65 4.75 30.55
CA TYR B 149 -10.74 4.87 31.50
C TYR B 149 -10.56 4.02 32.76
N ASN B 150 -9.59 4.42 33.58
CA ASN B 150 -9.20 3.71 34.77
C ASN B 150 -9.55 4.44 36.08
N GLU B 151 -10.40 5.47 35.98
CA GLU B 151 -10.87 6.21 37.15
C GLU B 151 -11.36 5.32 38.29
N GLY B 152 -11.92 4.16 37.94
CA GLY B 152 -12.26 3.13 38.92
C GLY B 152 -11.10 2.69 39.82
N LEU B 153 -9.92 2.49 39.25
CA LEU B 153 -8.74 2.06 40.02
C LEU B 153 -8.42 2.95 41.23
N ASN B 154 -8.74 4.25 41.16
CA ASN B 154 -8.28 5.22 42.16
C ASN B 154 -9.34 5.85 43.10
N ILE B 155 -10.59 5.38 43.01
CA ILE B 155 -11.64 5.92 43.86
C ILE B 155 -11.30 5.80 45.35
N LYS B 156 -10.82 4.62 45.77
CA LYS B 156 -10.46 4.36 47.17
C LYS B 156 -9.38 5.34 47.61
N LEU B 157 -8.33 5.44 46.79
CA LEU B 157 -7.24 6.34 47.06
C LEU B 157 -7.72 7.78 47.26
N ALA B 158 -8.51 8.27 46.31
CA ALA B 158 -9.01 9.63 46.36
C ALA B 158 -9.77 9.88 47.66
N ARG B 159 -10.61 8.93 48.04
CA ARG B 159 -11.37 9.02 49.28
C ARG B 159 -10.47 9.16 50.51
N GLN B 160 -9.45 8.30 50.60
CA GLN B 160 -8.49 8.34 51.70
C GLN B 160 -7.73 9.65 51.74
N LEU B 161 -7.41 10.18 50.56
CA LEU B 161 -6.76 11.48 50.47
C LEU B 161 -7.66 12.60 51.01
N ILE B 162 -8.93 12.57 50.66
CA ILE B 162 -9.91 13.54 51.15
C ILE B 162 -10.06 13.40 52.68
N SER B 163 -10.12 12.15 53.14
CA SER B 163 -10.24 11.81 54.56
C SER B 163 -9.14 12.41 55.43
N LYS B 164 -7.89 12.25 55.01
CA LYS B 164 -6.76 12.69 55.82
C LYS B 164 -6.53 14.21 55.74
N ASP B 165 -6.89 14.81 54.61
CA ASP B 165 -6.89 16.26 54.47
C ASP B 165 -7.89 16.90 55.44
N LEU B 166 -8.91 16.14 55.82
CA LEU B 166 -9.91 16.58 56.79
C LEU B 166 -9.36 16.46 58.22
N HIS B 167 -8.75 15.30 58.50
CA HIS B 167 -8.08 15.03 59.79
C HIS B 167 -6.83 15.91 60.02
N ASP B 168 -6.46 16.70 59.01
CA ASP B 168 -5.40 17.72 59.13
C ASP B 168 -5.74 18.75 60.21
N ASP B 169 -6.98 19.23 60.18
CA ASP B 169 -7.48 20.23 61.13
C ASP B 169 -7.76 19.61 62.49
N LYS C 12 -5.09 -5.42 -40.32
CA LYS C 12 -4.64 -6.83 -40.53
C LYS C 12 -3.22 -6.85 -41.13
N LEU C 13 -2.57 -8.00 -41.02
CA LEU C 13 -1.18 -8.14 -41.40
C LEU C 13 -1.06 -9.26 -42.41
N ASN C 14 -0.46 -8.95 -43.55
CA ASN C 14 -0.32 -9.95 -44.60
C ASN C 14 1.04 -10.66 -44.52
N ILE C 15 1.09 -11.68 -43.68
CA ILE C 15 2.32 -12.39 -43.38
C ILE C 15 2.97 -12.98 -44.63
N ASP C 16 2.16 -13.62 -45.47
CA ASP C 16 2.65 -14.26 -46.69
C ASP C 16 3.34 -13.28 -47.65
N SER C 17 2.76 -12.09 -47.78
CA SER C 17 3.35 -11.04 -48.59
C SER C 17 4.69 -10.56 -48.00
N ILE C 18 4.70 -10.32 -46.69
CA ILE C 18 5.92 -9.95 -45.97
C ILE C 18 7.04 -10.96 -46.19
N ILE C 19 6.78 -12.24 -45.92
CA ILE C 19 7.77 -13.30 -46.10
C ILE C 19 8.29 -13.32 -47.53
N GLN C 20 7.37 -13.27 -48.49
CA GLN C 20 7.71 -13.31 -49.90
C GLN C 20 8.64 -12.16 -50.31
N ARG C 21 8.34 -10.95 -49.85
CA ARG C 21 9.16 -9.78 -50.16
C ARG C 21 10.56 -9.88 -49.55
N LEU C 22 10.64 -10.43 -48.33
CA LEU C 22 11.90 -10.64 -47.66
C LEU C 22 12.75 -11.69 -48.38
N LEU C 23 12.10 -12.67 -48.97
CA LEU C 23 12.80 -13.76 -49.66
C LEU C 23 13.17 -13.43 -51.11
N GLU C 24 12.61 -12.34 -51.65
CA GLU C 24 12.90 -11.85 -53.00
C GLU C 24 14.39 -11.72 -53.33
N VAL C 25 15.18 -11.29 -52.35
CA VAL C 25 16.61 -11.03 -52.54
C VAL C 25 17.50 -12.28 -52.41
N ARG C 26 16.87 -13.47 -52.35
CA ARG C 26 17.58 -14.75 -52.20
C ARG C 26 18.69 -15.00 -53.22
N GLY C 27 18.50 -14.55 -54.45
CA GLY C 27 19.53 -14.72 -55.45
C GLY C 27 20.68 -13.74 -55.32
N SER C 28 20.37 -12.50 -54.96
CA SER C 28 21.31 -11.36 -55.05
C SER C 28 22.67 -11.51 -54.36
N LYS C 29 23.57 -10.61 -54.71
CA LYS C 29 24.85 -10.47 -54.01
C LYS C 29 24.53 -9.85 -52.65
N PRO C 30 25.31 -10.17 -51.61
CA PRO C 30 25.04 -9.66 -50.26
C PRO C 30 24.78 -8.15 -50.20
N GLY C 31 23.77 -7.74 -49.42
CA GLY C 31 23.56 -6.34 -49.11
C GLY C 31 22.33 -5.66 -49.69
N LYS C 32 21.60 -6.34 -50.57
CA LYS C 32 20.39 -5.78 -51.17
C LYS C 32 19.26 -5.66 -50.13
N ASN C 33 18.77 -4.44 -49.94
CA ASN C 33 17.76 -4.15 -48.94
C ASN C 33 16.34 -4.52 -49.34
N VAL C 34 15.51 -4.77 -48.33
CA VAL C 34 14.09 -4.99 -48.52
C VAL C 34 13.38 -3.86 -47.79
N GLN C 35 12.37 -3.27 -48.42
CA GLN C 35 11.69 -2.11 -47.86
C GLN C 35 10.23 -2.39 -47.51
N LEU C 36 9.98 -3.01 -46.37
CA LEU C 36 8.63 -3.15 -45.86
C LEU C 36 8.11 -1.80 -45.41
N GLN C 37 6.78 -1.68 -45.30
CA GLN C 37 6.16 -0.49 -44.72
C GLN C 37 6.43 -0.44 -43.22
N GLU C 38 6.61 0.76 -42.70
CA GLU C 38 6.76 1.00 -41.27
C GLU C 38 5.69 0.28 -40.43
N ASN C 39 4.44 0.34 -40.86
CA ASN C 39 3.36 -0.30 -40.12
C ASN C 39 3.36 -1.85 -40.21
N GLU C 40 3.96 -2.39 -41.26
CA GLU C 40 4.15 -3.84 -41.35
C GLU C 40 5.21 -4.33 -40.34
N ILE C 41 6.30 -3.58 -40.20
CA ILE C 41 7.34 -3.91 -39.27
C ILE C 41 6.77 -3.82 -37.85
N ARG C 42 6.03 -2.75 -37.60
CA ARG C 42 5.36 -2.55 -36.33
C ARG C 42 4.38 -3.67 -36.00
N GLY C 43 3.64 -4.14 -37.00
CA GLY C 43 2.74 -5.26 -36.84
C GLY C 43 3.45 -6.56 -36.50
N LEU C 44 4.60 -6.78 -37.12
CA LEU C 44 5.44 -7.95 -36.84
C LEU C 44 5.84 -7.96 -35.37
N CYS C 45 6.20 -6.79 -34.85
CA CYS C 45 6.60 -6.65 -33.47
C CYS C 45 5.44 -6.96 -32.54
N LEU C 46 4.28 -6.37 -32.82
CA LEU C 46 3.08 -6.50 -31.98
C LEU C 46 2.53 -7.93 -31.92
N LYS C 47 2.44 -8.58 -33.07
CA LYS C 47 1.92 -9.93 -33.15
C LYS C 47 2.89 -11.00 -32.57
N SER C 48 4.19 -10.82 -32.80
CA SER C 48 5.21 -11.69 -32.20
C SER C 48 5.24 -11.53 -30.68
N ARG C 49 5.14 -10.29 -30.21
CA ARG C 49 5.04 -10.01 -28.79
C ARG C 49 3.95 -10.86 -28.15
N GLU C 50 2.75 -10.79 -28.73
CA GLU C 50 1.58 -11.53 -28.24
C GLU C 50 1.89 -13.01 -28.15
N ILE C 51 2.46 -13.57 -29.21
CA ILE C 51 2.79 -14.98 -29.22
C ILE C 51 3.81 -15.29 -28.10
N PHE C 52 4.87 -14.48 -28.01
CA PHE C 52 5.92 -14.69 -27.03
C PHE C 52 5.29 -14.75 -25.64
N LEU C 53 4.42 -13.78 -25.33
CA LEU C 53 3.81 -13.68 -24.02
C LEU C 53 2.87 -14.85 -23.72
N SER C 54 2.33 -15.46 -24.77
CA SER C 54 1.38 -16.57 -24.61
C SER C 54 2.08 -17.92 -24.51
N GLN C 55 3.34 -18.00 -24.95
CA GLN C 55 4.10 -19.23 -24.83
C GLN C 55 5.01 -19.14 -23.59
N PRO C 56 5.45 -20.27 -23.05
CA PRO C 56 6.29 -20.28 -21.86
C PRO C 56 7.61 -19.53 -22.04
N ILE C 57 8.09 -18.92 -20.95
CA ILE C 57 9.39 -18.26 -20.93
C ILE C 57 10.54 -19.29 -20.94
N LEU C 58 10.22 -20.51 -20.56
CA LEU C 58 11.13 -21.63 -20.69
C LEU C 58 10.45 -22.66 -21.57
N LEU C 59 10.84 -22.67 -22.83
CA LEU C 59 10.22 -23.53 -23.84
C LEU C 59 10.55 -24.97 -23.60
N GLU C 60 9.54 -25.83 -23.68
CA GLU C 60 9.77 -27.26 -23.68
C GLU C 60 9.52 -27.78 -25.09
N LEU C 61 10.60 -28.21 -25.74
CA LEU C 61 10.59 -28.56 -27.15
C LEU C 61 10.91 -30.03 -27.46
N GLU C 62 10.42 -30.48 -28.61
CA GLU C 62 10.64 -31.85 -29.10
C GLU C 62 11.53 -31.81 -30.33
N ALA C 63 12.36 -32.84 -30.49
CA ALA C 63 13.11 -33.04 -31.73
C ALA C 63 12.17 -33.62 -32.81
N PRO C 64 12.49 -33.42 -34.10
CA PRO C 64 13.75 -32.81 -34.55
C PRO C 64 13.66 -31.27 -34.70
N LEU C 65 14.81 -30.61 -34.68
CA LEU C 65 14.88 -29.18 -34.98
C LEU C 65 16.29 -28.79 -35.31
N LYS C 66 16.45 -27.60 -35.87
CA LYS C 66 17.76 -27.03 -36.11
C LYS C 66 17.98 -25.93 -35.08
N ILE C 67 19.18 -25.91 -34.49
CA ILE C 67 19.53 -24.86 -33.52
C ILE C 67 20.61 -23.94 -34.09
N CYS C 68 20.35 -22.63 -34.07
CA CYS C 68 21.32 -21.64 -34.57
C CYS C 68 21.78 -20.66 -33.50
N GLY C 69 23.05 -20.25 -33.60
CA GLY C 69 23.64 -19.21 -32.77
C GLY C 69 23.56 -17.82 -33.37
N ASP C 70 24.49 -16.95 -32.98
CA ASP C 70 24.46 -15.53 -33.31
C ASP C 70 24.35 -15.25 -34.80
N ILE C 71 23.47 -14.32 -35.20
CA ILE C 71 23.32 -13.90 -36.60
C ILE C 71 23.82 -12.46 -36.83
N HIS C 72 23.54 -11.60 -35.86
CA HIS C 72 24.05 -10.22 -35.85
C HIS C 72 23.89 -9.50 -37.19
N GLY C 73 22.65 -9.46 -37.68
CA GLY C 73 22.31 -8.69 -38.86
C GLY C 73 22.89 -9.15 -40.19
N GLN C 74 23.58 -10.29 -40.19
CA GLN C 74 24.13 -10.87 -41.41
C GLN C 74 23.05 -11.61 -42.18
N TYR C 75 22.20 -10.83 -42.82
CA TYR C 75 20.98 -11.33 -43.46
C TYR C 75 21.21 -12.38 -44.55
N TYR C 76 22.25 -12.16 -45.34
CA TYR C 76 22.63 -13.03 -46.44
C TYR C 76 22.99 -14.41 -45.91
N ASP C 77 23.69 -14.42 -44.79
CA ASP C 77 24.05 -15.68 -44.14
C ASP C 77 22.84 -16.33 -43.48
N LEU C 78 21.88 -15.53 -43.01
CA LEU C 78 20.63 -16.11 -42.52
C LEU C 78 19.96 -16.92 -43.64
N LEU C 79 19.87 -16.31 -44.82
CA LEU C 79 19.35 -16.97 -46.02
C LEU C 79 20.13 -18.22 -46.41
N ARG C 80 21.46 -18.15 -46.32
CA ARG C 80 22.31 -19.31 -46.53
C ARG C 80 22.01 -20.44 -45.55
N LEU C 81 21.60 -20.10 -44.32
CA LEU C 81 21.28 -21.13 -43.31
C LEU C 81 19.99 -21.87 -43.68
N PHE C 82 18.93 -21.11 -43.95
CA PHE C 82 17.64 -21.67 -44.40
C PHE C 82 17.76 -22.47 -45.70
N GLU C 83 18.57 -21.97 -46.64
CA GLU C 83 18.91 -22.70 -47.86
C GLU C 83 19.47 -24.08 -47.58
N TYR C 84 20.36 -24.14 -46.60
CA TYR C 84 21.05 -25.36 -46.22
C TYR C 84 20.15 -26.30 -45.41
N GLY C 85 19.39 -25.75 -44.48
CA GLY C 85 18.59 -26.54 -43.55
C GLY C 85 17.15 -26.72 -43.97
N GLY C 86 16.70 -25.89 -44.91
CA GLY C 86 15.34 -25.92 -45.37
C GLY C 86 14.55 -24.77 -44.78
N PHE C 87 13.96 -23.96 -45.65
CA PHE C 87 13.08 -22.89 -45.20
C PHE C 87 11.90 -23.47 -44.42
N PRO C 88 11.47 -22.80 -43.35
CA PRO C 88 10.26 -23.19 -42.63
C PRO C 88 9.07 -23.34 -43.59
N PRO C 89 8.20 -24.35 -43.41
CA PRO C 89 8.25 -25.26 -42.27
C PRO C 89 8.93 -26.59 -42.58
N GLU C 90 9.74 -26.63 -43.64
CA GLU C 90 10.46 -27.84 -44.02
C GLU C 90 11.21 -28.41 -42.81
N SER C 91 11.74 -27.51 -41.98
CA SER C 91 12.46 -27.84 -40.75
C SER C 91 11.98 -26.98 -39.60
N ASN C 92 12.13 -27.51 -38.38
CA ASN C 92 11.86 -26.74 -37.16
C ASN C 92 13.12 -26.02 -36.70
N TYR C 93 12.96 -24.79 -36.21
CA TYR C 93 14.10 -23.97 -35.83
C TYR C 93 14.03 -23.41 -34.41
N LEU C 94 15.17 -23.47 -33.73
CA LEU C 94 15.40 -22.72 -32.50
C LEU C 94 16.65 -21.82 -32.67
N PHE C 95 16.45 -20.52 -32.51
CA PHE C 95 17.54 -19.55 -32.52
C PHE C 95 17.85 -19.09 -31.09
N LEU C 96 19.15 -18.97 -30.80
CA LEU C 96 19.62 -18.65 -29.46
C LEU C 96 19.83 -17.15 -29.15
N GLY C 97 19.48 -16.27 -30.09
CA GLY C 97 19.58 -14.84 -29.85
C GLY C 97 20.61 -14.08 -30.68
N ASP C 98 20.67 -12.77 -30.44
CA ASP C 98 21.68 -11.90 -31.08
C ASP C 98 21.40 -11.77 -32.57
N TYR C 99 20.18 -11.31 -32.85
CA TYR C 99 19.68 -11.19 -34.21
C TYR C 99 20.12 -9.86 -34.80
N VAL C 100 20.17 -8.85 -33.94
CA VAL C 100 20.49 -7.48 -34.36
C VAL C 100 21.91 -7.06 -33.92
N ASP C 101 22.34 -5.89 -34.39
CA ASP C 101 23.65 -5.27 -34.09
C ASP C 101 24.76 -5.84 -34.93
N ARG C 102 25.82 -5.02 -35.09
CA ARG C 102 27.10 -5.49 -35.57
C ARG C 102 27.12 -5.59 -37.11
N GLY C 103 26.06 -6.15 -37.69
CA GLY C 103 25.96 -6.35 -39.12
C GLY C 103 25.20 -5.27 -39.87
N LYS C 104 25.06 -5.47 -41.18
CA LYS C 104 24.59 -4.39 -42.05
C LYS C 104 23.07 -4.38 -42.16
N GLN C 105 22.45 -5.55 -41.93
CA GLN C 105 21.03 -5.71 -42.15
C GLN C 105 20.29 -6.38 -40.99
N SER C 106 20.30 -5.69 -39.84
CA SER C 106 19.57 -6.14 -38.66
C SER C 106 18.08 -6.22 -38.91
N LEU C 107 17.54 -5.20 -39.59
CA LEU C 107 16.11 -5.14 -39.87
C LEU C 107 15.59 -6.33 -40.68
N GLU C 108 16.24 -6.63 -41.80
CA GLU C 108 15.82 -7.75 -42.61
C GLU C 108 15.83 -9.03 -41.77
N THR C 109 16.95 -9.26 -41.10
CA THR C 109 17.13 -10.38 -40.19
C THR C 109 15.99 -10.55 -39.19
N ILE C 110 15.75 -9.55 -38.36
CA ILE C 110 14.74 -9.70 -37.30
C ILE C 110 13.33 -9.77 -37.87
N CYS C 111 13.09 -9.11 -39.01
CA CYS C 111 11.78 -9.15 -39.65
C CYS C 111 11.50 -10.54 -40.20
N LEU C 112 12.45 -11.12 -40.92
CA LEU C 112 12.21 -12.48 -41.38
C LEU C 112 11.96 -13.40 -40.19
N LEU C 113 12.80 -13.29 -39.17
CA LEU C 113 12.67 -14.18 -38.01
C LEU C 113 11.30 -14.03 -37.33
N LEU C 114 10.86 -12.79 -37.14
CA LEU C 114 9.59 -12.52 -36.48
C LEU C 114 8.41 -12.97 -37.35
N ALA C 115 8.56 -12.84 -38.67
CA ALA C 115 7.54 -13.25 -39.62
C ALA C 115 7.30 -14.76 -39.53
N TYR C 116 8.39 -15.53 -39.50
CA TYR C 116 8.33 -16.97 -39.37
C TYR C 116 7.79 -17.39 -38.02
N LYS C 117 8.06 -16.57 -37.01
CA LYS C 117 7.52 -16.83 -35.68
C LYS C 117 6.00 -16.75 -35.72
N ILE C 118 5.49 -15.71 -36.36
CA ILE C 118 4.04 -15.54 -36.51
C ILE C 118 3.41 -16.63 -37.38
N LYS C 119 4.06 -16.96 -38.49
CA LYS C 119 3.51 -17.93 -39.44
C LYS C 119 3.48 -19.35 -38.89
N TYR C 120 4.55 -19.76 -38.21
CA TYR C 120 4.65 -21.12 -37.67
C TYR C 120 4.99 -21.08 -36.18
N PRO C 121 4.05 -20.62 -35.36
CA PRO C 121 4.35 -20.32 -33.95
C PRO C 121 4.71 -21.52 -33.08
N GLU C 122 4.58 -22.74 -33.58
CA GLU C 122 4.91 -23.94 -32.79
C GLU C 122 6.00 -24.77 -33.42
N ASN C 123 6.63 -24.23 -34.46
CA ASN C 123 7.72 -24.92 -35.14
C ASN C 123 8.95 -24.02 -35.32
N PHE C 124 8.80 -22.77 -34.90
CA PHE C 124 9.84 -21.76 -35.06
C PHE C 124 9.95 -20.99 -33.74
N PHE C 125 11.16 -20.93 -33.20
CA PHE C 125 11.39 -20.37 -31.87
C PHE C 125 12.63 -19.50 -31.78
N LEU C 126 12.56 -18.49 -30.93
CA LEU C 126 13.60 -17.48 -30.82
C LEU C 126 13.85 -17.14 -29.36
N LEU C 127 15.09 -17.31 -28.91
CA LEU C 127 15.46 -16.91 -27.55
C LEU C 127 16.06 -15.51 -27.52
N ARG C 128 16.20 -14.95 -26.34
CA ARG C 128 16.79 -13.63 -26.15
C ARG C 128 18.29 -13.76 -26.00
N GLY C 129 19.03 -12.92 -26.72
CA GLY C 129 20.47 -12.75 -26.52
C GLY C 129 20.74 -11.43 -25.82
N ASN C 130 21.98 -11.20 -25.38
CA ASN C 130 22.28 -9.96 -24.66
C ASN C 130 22.16 -8.72 -25.56
N HIS C 131 22.14 -8.92 -26.87
CA HIS C 131 21.91 -7.81 -27.80
C HIS C 131 20.45 -7.45 -27.99
N GLU C 132 19.54 -8.31 -27.52
CA GLU C 132 18.11 -7.99 -27.56
C GLU C 132 17.71 -7.25 -26.29
N CYS C 133 18.43 -6.16 -26.05
CA CYS C 133 18.35 -5.36 -24.86
C CYS C 133 18.72 -3.94 -25.28
N ALA C 134 17.92 -2.97 -24.86
CA ALA C 134 18.13 -1.57 -25.25
C ALA C 134 19.49 -1.02 -24.84
N SER C 135 19.99 -1.45 -23.68
CA SER C 135 21.29 -1.01 -23.16
C SER C 135 22.47 -1.38 -24.05
N ILE C 136 22.26 -2.33 -24.96
CA ILE C 136 23.30 -2.76 -25.89
C ILE C 136 22.97 -2.23 -27.30
N ASN C 137 21.73 -2.48 -27.74
CA ASN C 137 21.08 -2.01 -28.97
C ASN C 137 21.29 -0.56 -29.34
N ARG C 138 21.37 0.28 -28.32
CA ARG C 138 21.40 1.70 -28.54
C ARG C 138 22.71 2.05 -29.26
N ILE C 139 23.76 1.29 -28.94
CA ILE C 139 25.13 1.60 -29.27
C ILE C 139 25.74 0.72 -30.38
N TYR C 140 25.41 -0.57 -30.43
CA TYR C 140 26.08 -1.52 -31.31
C TYR C 140 25.43 -1.73 -32.70
N GLY C 141 24.54 -0.79 -33.09
CA GLY C 141 24.15 -0.68 -34.46
C GLY C 141 22.67 -0.63 -34.79
N PHE C 142 21.84 -1.33 -34.00
CA PHE C 142 20.41 -1.43 -34.29
C PHE C 142 19.68 -0.09 -34.26
N TYR C 143 19.91 0.69 -33.21
CA TYR C 143 19.36 2.03 -33.14
C TYR C 143 19.76 2.86 -34.37
N ASP C 144 21.05 2.91 -34.67
CA ASP C 144 21.51 3.67 -35.83
C ASP C 144 20.83 3.19 -37.10
N GLU C 145 20.63 1.87 -37.23
CA GLU C 145 20.01 1.31 -38.43
C GLU C 145 18.55 1.75 -38.53
N CYS C 146 17.82 1.63 -37.42
CA CYS C 146 16.45 2.10 -37.35
C CYS C 146 16.34 3.60 -37.70
N LYS C 147 17.20 4.42 -37.12
CA LYS C 147 17.21 5.85 -37.38
C LYS C 147 17.52 6.21 -38.84
N ARG C 148 18.52 5.55 -39.43
CA ARG C 148 18.92 5.78 -40.82
C ARG C 148 17.80 5.43 -41.77
N ARG C 149 17.11 4.31 -41.51
CA ARG C 149 16.19 3.73 -42.48
C ARG C 149 14.69 4.05 -42.23
N TYR C 150 14.32 4.28 -40.98
CA TYR C 150 12.95 4.61 -40.60
C TYR C 150 12.97 5.72 -39.56
N ASN C 151 12.79 5.38 -38.30
CA ASN C 151 12.96 6.36 -37.22
C ASN C 151 13.18 5.69 -35.85
N ILE C 152 13.50 6.51 -34.86
CA ILE C 152 13.72 6.08 -33.47
C ILE C 152 12.55 5.32 -32.87
N LYS C 153 11.33 5.75 -33.15
CA LYS C 153 10.11 5.14 -32.57
C LYS C 153 10.03 3.67 -32.93
N LEU C 154 10.46 3.34 -34.14
CA LEU C 154 10.53 1.95 -34.55
C LEU C 154 11.47 1.15 -33.64
N TRP C 155 12.58 1.78 -33.24
CA TRP C 155 13.54 1.12 -32.36
C TRP C 155 12.92 0.90 -30.97
N LYS C 156 12.13 1.86 -30.51
CA LYS C 156 11.37 1.71 -29.27
C LYS C 156 10.37 0.55 -29.35
N THR C 157 9.76 0.36 -30.52
CA THR C 157 8.80 -0.73 -30.73
C THR C 157 9.46 -2.10 -30.60
N PHE C 158 10.65 -2.23 -31.18
CA PHE C 158 11.44 -3.46 -31.08
C PHE C 158 11.85 -3.77 -29.65
N THR C 159 12.21 -2.73 -28.90
CA THR C 159 12.57 -2.89 -27.51
C THR C 159 11.45 -3.58 -26.70
N ASP C 160 10.21 -3.12 -26.88
CA ASP C 160 9.05 -3.71 -26.24
C ASP C 160 8.89 -5.17 -26.62
N CYS C 161 9.11 -5.45 -27.90
CA CYS C 161 9.05 -6.80 -28.41
C CYS C 161 10.17 -7.67 -27.79
N PHE C 162 11.41 -7.16 -27.82
CA PHE C 162 12.57 -7.89 -27.32
C PHE C 162 12.43 -8.22 -25.83
N ASN C 163 11.81 -7.29 -25.09
CA ASN C 163 11.57 -7.42 -23.67
C ASN C 163 10.64 -8.61 -23.32
N CYS C 164 9.97 -9.14 -24.34
CA CYS C 164 9.06 -10.26 -24.15
C CYS C 164 9.61 -11.60 -24.60
N LEU C 165 10.86 -11.62 -25.08
CA LEU C 165 11.41 -12.84 -25.66
C LEU C 165 11.60 -13.92 -24.60
N PRO C 166 11.38 -15.19 -24.94
CA PRO C 166 11.63 -16.28 -24.00
C PRO C 166 13.14 -16.38 -23.76
N ILE C 167 13.54 -17.11 -22.71
CA ILE C 167 14.91 -17.02 -22.23
C ILE C 167 15.68 -18.32 -22.32
N ALA C 168 14.97 -19.43 -22.33
CA ALA C 168 15.64 -20.72 -22.40
C ALA C 168 14.73 -21.80 -22.98
N ALA C 169 15.34 -22.90 -23.39
CA ALA C 169 14.59 -24.01 -23.96
C ALA C 169 15.23 -25.31 -23.51
N ILE C 170 14.39 -26.30 -23.24
CA ILE C 170 14.86 -27.68 -23.03
C ILE C 170 14.30 -28.56 -24.14
N VAL C 171 15.17 -29.23 -24.85
CA VAL C 171 14.78 -30.13 -25.92
C VAL C 171 14.70 -31.54 -25.38
N ASP C 172 13.48 -32.08 -25.35
CA ASP C 172 13.21 -33.47 -24.95
C ASP C 172 13.89 -33.86 -23.64
N GLU C 173 13.85 -32.92 -22.69
CA GLU C 173 14.34 -33.12 -21.32
C GLU C 173 15.83 -33.43 -21.21
N LYS C 174 16.58 -33.19 -22.28
CA LYS C 174 18.00 -33.55 -22.30
C LYS C 174 18.96 -32.42 -22.69
N ILE C 175 18.49 -31.49 -23.52
CA ILE C 175 19.35 -30.40 -24.00
C ILE C 175 18.85 -29.04 -23.53
N PHE C 176 19.59 -28.44 -22.60
CA PHE C 176 19.27 -27.12 -22.10
C PHE C 176 19.91 -26.07 -23.01
N CYS C 177 19.10 -25.15 -23.50
CA CYS C 177 19.57 -24.09 -24.41
C CYS C 177 19.25 -22.72 -23.83
N CYS C 178 20.24 -21.83 -23.87
CA CYS C 178 20.03 -20.40 -23.60
C CYS C 178 21.19 -19.68 -24.23
N HIS C 179 21.15 -18.35 -24.24
CA HIS C 179 22.12 -17.57 -25.02
C HIS C 179 23.53 -17.61 -24.48
N GLY C 180 23.70 -17.22 -23.21
CA GLY C 180 25.02 -17.06 -22.62
C GLY C 180 25.49 -18.32 -21.93
N GLY C 181 24.80 -18.67 -20.85
CA GLY C 181 25.10 -19.93 -20.19
C GLY C 181 24.45 -20.01 -18.83
N LEU C 182 25.19 -20.54 -17.87
CA LEU C 182 24.62 -20.85 -16.58
C LEU C 182 24.70 -19.64 -15.67
N SER C 183 24.11 -19.81 -14.48
CA SER C 183 24.08 -18.77 -13.46
C SER C 183 24.41 -19.41 -12.12
N PRO C 184 25.22 -18.73 -11.30
CA PRO C 184 25.43 -19.20 -9.93
C PRO C 184 24.08 -19.25 -9.21
N ASP C 185 23.10 -18.49 -9.68
CA ASP C 185 21.78 -18.45 -9.09
C ASP C 185 20.81 -19.45 -9.69
N LEU C 186 21.27 -20.28 -10.62
CA LEU C 186 20.37 -21.23 -11.24
C LEU C 186 20.38 -22.57 -10.49
N GLN C 187 19.39 -22.75 -9.61
CA GLN C 187 19.28 -23.99 -8.84
C GLN C 187 18.10 -24.81 -9.33
N SER C 188 17.02 -24.13 -9.69
CA SER C 188 15.80 -24.79 -10.11
C SER C 188 15.27 -24.19 -11.39
N MET C 189 14.87 -25.04 -12.35
CA MET C 189 14.30 -24.58 -13.61
C MET C 189 13.10 -23.69 -13.40
N GLU C 190 12.44 -23.87 -12.26
CA GLU C 190 11.28 -23.08 -11.86
C GLU C 190 11.63 -21.60 -11.70
N GLN C 191 12.89 -21.31 -11.35
CA GLN C 191 13.35 -19.91 -11.25
C GLN C 191 13.24 -19.19 -12.61
N ILE C 192 13.52 -19.89 -13.71
CA ILE C 192 13.34 -19.28 -15.03
C ILE C 192 11.86 -19.05 -15.32
N ARG C 193 11.02 -20.07 -15.07
CA ARG C 193 9.58 -19.95 -15.24
C ARG C 193 8.98 -18.76 -14.50
N ARG C 194 9.53 -18.42 -13.33
CA ARG C 194 9.00 -17.32 -12.51
C ARG C 194 9.33 -15.91 -13.01
N ILE C 195 10.28 -15.77 -13.93
CA ILE C 195 10.63 -14.43 -14.41
C ILE C 195 9.46 -13.87 -15.22
N MET C 196 9.05 -12.64 -14.91
CA MET C 196 7.89 -12.02 -15.54
C MET C 196 8.27 -11.08 -16.69
N ARG C 197 7.45 -11.05 -17.72
CA ARG C 197 7.69 -10.22 -18.90
C ARG C 197 6.53 -9.24 -19.09
N PRO C 198 6.77 -8.08 -19.71
CA PRO C 198 8.08 -7.64 -20.20
C PRO C 198 9.08 -7.35 -19.08
N THR C 199 10.34 -7.42 -19.42
CA THR C 199 11.42 -7.08 -18.49
C THR C 199 12.64 -6.65 -19.25
N ASP C 200 13.36 -5.68 -18.69
CA ASP C 200 14.71 -5.41 -19.16
C ASP C 200 15.66 -6.46 -18.60
N VAL C 201 16.87 -6.51 -19.15
CA VAL C 201 17.91 -7.37 -18.62
C VAL C 201 18.57 -6.60 -17.47
N PRO C 202 18.52 -7.15 -16.25
CA PRO C 202 19.16 -6.50 -15.09
C PRO C 202 20.70 -6.57 -15.15
N ASP C 203 21.37 -5.78 -14.32
CA ASP C 203 22.84 -5.66 -14.30
C ASP C 203 23.54 -6.85 -13.68
N GLN C 204 22.82 -7.55 -12.82
CA GLN C 204 23.30 -8.71 -12.11
C GLN C 204 22.15 -9.68 -11.90
N GLY C 205 22.46 -10.94 -11.62
CA GLY C 205 21.43 -11.90 -11.28
C GLY C 205 21.13 -12.88 -12.40
N LEU C 206 20.14 -13.72 -12.15
CA LEU C 206 19.85 -14.90 -12.97
C LEU C 206 19.67 -14.57 -14.46
N LEU C 207 18.79 -13.61 -14.77
CA LEU C 207 18.50 -13.25 -16.14
C LEU C 207 19.71 -12.64 -16.84
N CYS C 208 20.46 -11.83 -16.12
CA CYS C 208 21.73 -11.34 -16.61
C CYS C 208 22.70 -12.49 -16.97
N ASP C 209 22.93 -13.40 -16.03
CA ASP C 209 23.85 -14.51 -16.25
C ASP C 209 23.46 -15.38 -17.44
N LEU C 210 22.17 -15.65 -17.59
CA LEU C 210 21.67 -16.50 -18.67
C LEU C 210 22.03 -15.92 -20.04
N LEU C 211 22.12 -14.59 -20.13
CA LEU C 211 22.41 -13.95 -21.41
C LEU C 211 23.87 -13.54 -21.56
N TRP C 212 24.66 -13.64 -20.50
CA TRP C 212 25.97 -13.01 -20.49
C TRP C 212 27.16 -13.88 -20.12
N SER C 213 26.91 -14.97 -19.40
CA SER C 213 28.00 -15.79 -18.87
C SER C 213 28.80 -16.56 -19.94
N ASP C 214 30.03 -16.96 -19.61
CA ASP C 214 30.89 -17.73 -20.50
C ASP C 214 31.57 -18.89 -19.79
N PRO C 215 31.72 -20.02 -20.51
CA PRO C 215 32.55 -21.13 -20.03
C PRO C 215 34.01 -20.70 -20.07
N ASP C 216 34.81 -21.14 -19.10
CA ASP C 216 36.24 -20.87 -19.13
C ASP C 216 36.98 -22.04 -18.53
N LYS C 217 37.79 -22.70 -19.35
CA LYS C 217 38.46 -23.94 -18.96
C LYS C 217 39.50 -23.77 -17.84
N ASP C 218 39.91 -22.52 -17.58
CA ASP C 218 40.90 -22.22 -16.54
C ASP C 218 40.29 -21.73 -15.22
N VAL C 219 38.97 -21.58 -15.21
CA VAL C 219 38.28 -21.15 -14.02
C VAL C 219 37.86 -22.38 -13.20
N LEU C 220 38.11 -22.33 -11.90
CA LEU C 220 37.56 -23.32 -10.97
C LEU C 220 36.29 -22.73 -10.33
N GLY C 221 35.16 -23.34 -10.63
CA GLY C 221 33.90 -22.85 -10.11
C GLY C 221 33.44 -21.63 -10.87
N TRP C 222 33.10 -20.58 -10.12
CA TRP C 222 32.63 -19.35 -10.72
C TRP C 222 33.69 -18.25 -10.63
N GLY C 223 33.90 -17.57 -11.75
CA GLY C 223 34.96 -16.59 -11.83
C GLY C 223 34.57 -15.29 -12.48
N GLU C 224 35.57 -14.41 -12.57
CA GLU C 224 35.45 -13.08 -13.14
C GLU C 224 35.26 -13.17 -14.66
N ASN C 225 34.39 -12.33 -15.21
CA ASN C 225 34.21 -12.27 -16.66
C ASN C 225 34.82 -11.00 -17.22
N ASP C 226 35.76 -11.18 -18.16
CA ASP C 226 36.42 -10.03 -18.79
C ASP C 226 35.45 -9.02 -19.41
N ARG C 227 34.24 -9.47 -19.76
CA ARG C 227 33.22 -8.59 -20.30
C ARG C 227 32.87 -7.46 -19.32
N GLY C 228 33.13 -7.68 -18.03
CA GLY C 228 32.70 -6.76 -16.98
C GLY C 228 31.22 -6.86 -16.62
N VAL C 229 30.57 -7.92 -17.07
CA VAL C 229 29.19 -8.23 -16.68
C VAL C 229 29.18 -9.72 -16.40
N SER C 230 28.41 -10.15 -15.39
CA SER C 230 28.25 -11.57 -15.11
C SER C 230 29.58 -12.29 -14.76
N PHE C 231 29.66 -13.57 -15.10
CA PHE C 231 30.69 -14.46 -14.58
C PHE C 231 31.19 -15.42 -15.63
N THR C 232 32.30 -16.09 -15.34
CA THR C 232 32.68 -17.29 -16.06
C THR C 232 32.42 -18.51 -15.21
N PHE C 233 32.31 -19.68 -15.85
CA PHE C 233 32.11 -20.93 -15.13
C PHE C 233 33.03 -22.04 -15.69
N GLY C 234 33.57 -22.87 -14.80
CA GLY C 234 34.46 -23.95 -15.19
C GLY C 234 33.73 -25.20 -15.64
N ALA C 235 34.49 -26.21 -16.09
CA ALA C 235 33.94 -27.44 -16.64
C ALA C 235 33.10 -28.24 -15.64
N GLU C 236 33.57 -28.29 -14.40
CA GLU C 236 32.91 -29.07 -13.37
C GLU C 236 31.53 -28.52 -13.05
N VAL C 237 31.37 -27.20 -13.15
CA VAL C 237 30.09 -26.56 -12.95
C VAL C 237 29.07 -27.10 -13.94
N VAL C 238 29.48 -27.18 -15.21
CA VAL C 238 28.66 -27.77 -16.26
C VAL C 238 28.30 -29.21 -15.87
N ALA C 239 29.30 -29.99 -15.47
CA ALA C 239 29.11 -31.40 -15.09
C ALA C 239 28.10 -31.59 -13.96
N LYS C 240 28.21 -30.78 -12.89
CA LYS C 240 27.29 -30.87 -11.76
C LYS C 240 25.88 -30.54 -12.20
N PHE C 241 25.76 -29.54 -13.07
CA PHE C 241 24.45 -29.04 -13.51
C PHE C 241 23.68 -30.12 -14.28
N LEU C 242 24.37 -30.75 -15.23
CA LEU C 242 23.80 -31.83 -16.03
C LEU C 242 23.41 -33.01 -15.15
N HIS C 243 24.34 -33.43 -14.28
CA HIS C 243 24.07 -34.48 -13.32
C HIS C 243 22.80 -34.20 -12.51
N LYS C 244 22.74 -33.00 -11.91
CA LYS C 244 21.63 -32.61 -11.05
C LYS C 244 20.27 -32.68 -11.75
N HIS C 245 20.18 -32.08 -12.93
CA HIS C 245 18.91 -31.90 -13.62
C HIS C 245 18.67 -32.98 -14.68
N ASP C 246 19.52 -34.01 -14.64
CA ASP C 246 19.38 -35.16 -15.50
C ASP C 246 19.40 -34.78 -16.99
N LEU C 247 20.34 -33.91 -17.34
CA LEU C 247 20.47 -33.45 -18.72
C LEU C 247 21.71 -34.08 -19.38
N ASP C 248 21.79 -34.04 -20.71
CA ASP C 248 22.98 -34.52 -21.44
C ASP C 248 23.91 -33.42 -21.95
N LEU C 249 23.33 -32.27 -22.29
CA LEU C 249 24.07 -31.22 -22.99
C LEU C 249 23.54 -29.82 -22.71
N ILE C 250 24.48 -28.89 -22.57
CA ILE C 250 24.17 -27.46 -22.66
C ILE C 250 24.52 -26.96 -24.06
N CYS C 251 23.57 -26.25 -24.66
CA CYS C 251 23.80 -25.63 -25.94
C CYS C 251 23.64 -24.11 -25.78
N ARG C 252 24.67 -23.36 -26.17
CA ARG C 252 24.65 -21.90 -26.01
C ARG C 252 25.38 -21.19 -27.17
N ALA C 253 25.36 -19.87 -27.20
CA ALA C 253 25.96 -19.13 -28.31
C ALA C 253 26.96 -18.08 -27.82
N HIS C 254 26.75 -16.81 -28.14
CA HIS C 254 27.30 -15.69 -27.36
C HIS C 254 28.78 -15.35 -27.65
N GLN C 255 29.56 -16.35 -28.08
CA GLN C 255 30.98 -16.17 -28.40
C GLN C 255 31.35 -16.66 -29.80
N VAL C 256 31.91 -15.78 -30.62
CA VAL C 256 32.43 -16.20 -31.91
C VAL C 256 33.46 -17.29 -31.70
N VAL C 257 33.36 -18.35 -32.50
CA VAL C 257 34.31 -19.46 -32.44
C VAL C 257 34.80 -19.75 -33.85
N GLU C 258 36.07 -20.14 -33.98
CA GLU C 258 36.74 -20.28 -35.28
C GLU C 258 36.00 -21.19 -36.27
N ASP C 259 35.54 -22.34 -35.78
CA ASP C 259 34.90 -23.38 -36.60
C ASP C 259 33.38 -23.34 -36.55
N GLY C 260 32.80 -22.27 -36.01
CA GLY C 260 31.36 -22.16 -35.94
C GLY C 260 30.70 -22.91 -34.80
N TYR C 261 31.33 -24.00 -34.37
CA TYR C 261 30.97 -24.67 -33.13
C TYR C 261 32.22 -25.05 -32.34
N GLU C 262 32.08 -25.22 -31.03
CA GLU C 262 33.18 -25.60 -30.15
C GLU C 262 32.66 -26.30 -28.91
N PHE C 263 33.25 -27.44 -28.61
CA PHE C 263 32.87 -28.21 -27.43
C PHE C 263 33.59 -27.72 -26.22
N PHE C 264 32.99 -27.97 -25.06
CA PHE C 264 33.57 -27.61 -23.79
C PHE C 264 33.20 -28.70 -22.78
N ALA C 265 34.11 -28.97 -21.84
CA ALA C 265 33.87 -29.93 -20.77
C ALA C 265 33.48 -31.31 -21.31
N LYS C 266 34.34 -31.85 -22.17
CA LYS C 266 34.17 -33.20 -22.72
C LYS C 266 32.83 -33.34 -23.42
N ARG C 267 32.53 -32.37 -24.27
CA ARG C 267 31.31 -32.38 -25.06
C ARG C 267 30.00 -32.24 -24.29
N GLN C 268 30.06 -31.80 -23.03
CA GLN C 268 28.83 -31.60 -22.26
C GLN C 268 28.21 -30.22 -22.50
N LEU C 269 29.01 -29.31 -23.07
CA LEU C 269 28.54 -28.02 -23.54
C LEU C 269 29.09 -27.81 -24.95
N VAL C 270 28.28 -27.18 -25.79
CA VAL C 270 28.70 -26.70 -27.11
C VAL C 270 28.33 -25.21 -27.30
N THR C 271 29.26 -24.45 -27.87
CA THR C 271 29.00 -23.09 -28.33
C THR C 271 28.68 -23.13 -29.83
N LEU C 272 27.51 -22.61 -30.20
CA LEU C 272 27.11 -22.44 -31.60
C LEU C 272 27.17 -20.99 -32.02
N PHE C 273 27.77 -20.74 -33.18
CA PHE C 273 27.84 -19.38 -33.71
C PHE C 273 27.61 -19.44 -35.21
N SER C 274 26.58 -18.73 -35.66
CA SER C 274 26.06 -18.92 -37.02
C SER C 274 26.44 -17.83 -38.04
N ALA C 275 27.19 -16.81 -37.62
CA ALA C 275 27.56 -15.76 -38.54
C ALA C 275 29.00 -15.98 -39.00
N PRO C 276 29.18 -16.46 -40.24
CA PRO C 276 30.54 -16.69 -40.77
C PRO C 276 31.16 -15.33 -41.09
N ASN C 277 32.48 -15.23 -41.17
CA ASN C 277 33.15 -13.93 -41.44
C ASN C 277 32.63 -12.82 -40.54
N TYR C 278 32.47 -13.17 -39.27
CA TYR C 278 31.72 -12.36 -38.32
C TYR C 278 32.09 -10.87 -38.38
N CYS C 279 31.07 -10.05 -38.67
CA CYS C 279 31.14 -8.59 -38.83
C CYS C 279 32.37 -8.05 -39.58
N GLY C 280 32.86 -8.83 -40.54
CA GLY C 280 34.04 -8.48 -41.30
C GLY C 280 35.30 -8.31 -40.48
N GLU C 281 35.34 -8.89 -39.28
CA GLU C 281 36.51 -8.74 -38.41
C GLU C 281 37.19 -10.05 -38.12
N PHE C 282 36.51 -11.14 -38.46
CA PHE C 282 36.97 -12.49 -38.13
C PHE C 282 36.78 -13.34 -39.37
N ASP C 283 37.53 -14.41 -39.50
CA ASP C 283 37.31 -15.28 -40.65
C ASP C 283 36.88 -16.69 -40.23
N ASN C 284 35.94 -16.71 -39.31
CA ASN C 284 35.38 -17.93 -38.74
C ASN C 284 34.35 -18.57 -39.69
N ALA C 285 34.17 -19.87 -39.53
CA ALA C 285 33.01 -20.54 -40.11
C ALA C 285 31.80 -20.27 -39.20
N GLY C 286 30.60 -20.42 -39.76
CA GLY C 286 29.38 -20.44 -38.99
C GLY C 286 28.84 -21.85 -38.96
N ALA C 287 28.15 -22.21 -37.88
CA ALA C 287 27.53 -23.52 -37.75
C ALA C 287 26.09 -23.43 -37.33
N MET C 288 25.33 -24.47 -37.66
CA MET C 288 24.02 -24.71 -37.07
C MET C 288 24.01 -26.18 -36.66
N MET C 289 23.33 -26.52 -35.57
CA MET C 289 23.35 -27.89 -35.07
C MET C 289 22.02 -28.57 -35.34
N SER C 290 22.09 -29.72 -35.99
CA SER C 290 20.93 -30.52 -36.36
C SER C 290 20.70 -31.63 -35.34
N VAL C 291 19.50 -31.65 -34.78
CA VAL C 291 19.13 -32.59 -33.72
C VAL C 291 17.97 -33.39 -34.26
N ASP C 292 18.18 -34.69 -34.46
CA ASP C 292 17.11 -35.55 -34.97
C ASP C 292 16.30 -36.19 -33.84
N GLU C 293 15.32 -37.00 -34.23
CA GLU C 293 14.38 -37.63 -33.32
C GLU C 293 15.04 -38.39 -32.19
N THR C 294 16.19 -39.00 -32.45
CA THR C 294 16.90 -39.77 -31.41
C THR C 294 17.79 -38.91 -30.53
N LEU C 295 17.82 -37.60 -30.82
CA LEU C 295 18.76 -36.64 -30.21
C LEU C 295 20.18 -36.82 -30.70
N MET C 296 20.32 -37.34 -31.92
CA MET C 296 21.61 -37.43 -32.57
C MET C 296 21.92 -36.05 -33.11
N CYS C 297 23.10 -35.53 -32.75
CA CYS C 297 23.47 -34.16 -33.09
C CYS C 297 24.53 -34.08 -34.16
N SER C 298 24.27 -33.28 -35.17
CA SER C 298 25.23 -33.06 -36.25
C SER C 298 25.29 -31.57 -36.60
N PHE C 299 26.35 -31.20 -37.31
CA PHE C 299 26.61 -29.80 -37.59
C PHE C 299 26.70 -29.52 -39.08
N GLN C 300 26.03 -28.46 -39.50
CA GLN C 300 26.08 -28.00 -40.87
C GLN C 300 26.79 -26.64 -40.88
N ILE C 301 27.83 -26.55 -41.69
CA ILE C 301 28.76 -25.42 -41.67
C ILE C 301 28.54 -24.49 -42.85
N LEU C 302 28.64 -23.19 -42.60
CA LEU C 302 28.89 -22.22 -43.65
C LEU C 302 30.35 -21.84 -43.53
N LYS C 303 31.16 -22.29 -44.49
CA LYS C 303 32.59 -22.05 -44.46
C LYS C 303 32.88 -20.57 -44.72
N PRO C 304 34.01 -20.07 -44.21
CA PRO C 304 34.37 -18.65 -44.40
C PRO C 304 34.63 -18.29 -45.88
N ALA C 305 34.48 -17.01 -46.20
CA ALA C 305 34.70 -16.50 -47.56
C ALA C 305 36.06 -16.91 -48.12
N GLU C 306 36.09 -17.18 -49.42
CA GLU C 306 37.32 -17.43 -50.15
C GLU C 306 37.95 -16.11 -50.62
N LYS D 12 2.59 -30.61 -37.50
CA LYS D 12 2.86 -31.19 -36.14
C LYS D 12 3.80 -30.30 -35.30
N GLY D 13 3.22 -29.57 -34.34
CA GLY D 13 3.98 -28.68 -33.49
C GLY D 13 4.92 -29.39 -32.53
N ILE D 14 5.99 -28.71 -32.12
CA ILE D 14 6.95 -29.32 -31.18
C ILE D 14 7.00 -28.67 -29.79
N LEU D 15 6.05 -27.77 -29.50
CA LEU D 15 5.97 -27.14 -28.17
C LEU D 15 5.12 -27.95 -27.19
N LYS D 16 5.80 -28.67 -26.29
CA LYS D 16 5.15 -29.54 -25.31
C LYS D 16 4.32 -28.76 -24.30
N ASN D 17 4.70 -27.52 -24.06
CA ASN D 17 4.04 -26.70 -23.06
C ASN D 17 3.61 -25.32 -23.56
N LYS D 44 15.25 -41.03 -23.16
CA LYS D 44 16.10 -41.01 -24.35
C LYS D 44 17.39 -40.18 -24.20
N SER D 45 18.37 -40.47 -25.06
CA SER D 45 19.76 -40.06 -24.87
C SER D 45 20.33 -39.24 -26.04
N GLN D 46 21.02 -38.15 -25.70
CA GLN D 46 21.71 -37.31 -26.69
C GLN D 46 23.04 -37.94 -27.09
N LYS D 47 23.30 -37.97 -28.40
CA LYS D 47 24.51 -38.55 -28.96
C LYS D 47 25.12 -37.69 -30.07
N TRP D 48 26.40 -37.92 -30.35
CA TRP D 48 27.11 -37.20 -31.40
C TRP D 48 27.27 -38.03 -32.68
N ASP D 49 27.05 -37.37 -33.82
CA ASP D 49 27.31 -37.95 -35.13
C ASP D 49 28.81 -37.87 -35.39
N GLU D 50 29.54 -38.89 -34.97
CA GLU D 50 31.01 -38.91 -35.01
C GLU D 50 31.62 -38.71 -36.40
N MET D 51 30.95 -39.23 -37.43
CA MET D 51 31.39 -39.07 -38.81
C MET D 51 31.22 -37.63 -39.31
N ASN D 52 30.14 -36.98 -38.86
CA ASN D 52 29.88 -35.56 -39.15
C ASN D 52 30.89 -34.63 -38.47
N ILE D 53 31.32 -34.98 -37.26
CA ILE D 53 32.37 -34.24 -36.55
C ILE D 53 33.69 -34.32 -37.34
N LEU D 54 33.99 -35.49 -37.91
CA LEU D 54 35.16 -35.69 -38.75
C LEU D 54 35.07 -34.93 -40.09
N ALA D 55 33.86 -34.88 -40.64
CA ALA D 55 33.59 -34.26 -41.94
C ALA D 55 33.74 -32.72 -41.96
N THR D 56 33.73 -32.11 -40.77
CA THR D 56 33.77 -30.65 -40.66
C THR D 56 35.11 -30.16 -40.10
N LEU D 130 49.77 -28.53 -28.71
CA LEU D 130 49.48 -27.73 -29.91
C LEU D 130 50.75 -27.26 -30.61
N SER D 131 50.68 -27.14 -31.94
CA SER D 131 51.78 -26.64 -32.76
C SER D 131 52.29 -25.26 -32.29
N PRO D 132 53.61 -25.06 -32.26
CA PRO D 132 54.20 -23.74 -31.96
C PRO D 132 53.59 -22.60 -32.77
N GLU D 133 53.23 -22.89 -34.02
CA GLU D 133 52.66 -21.90 -34.94
C GLU D 133 51.14 -21.76 -34.81
N GLU D 134 50.47 -22.84 -34.41
CA GLU D 134 49.01 -22.85 -34.26
C GLU D 134 48.54 -22.42 -32.86
N ARG D 135 49.48 -22.34 -31.91
CA ARG D 135 49.20 -21.85 -30.56
C ARG D 135 49.24 -20.31 -30.56
N GLU D 136 50.02 -19.76 -31.48
CA GLU D 136 50.06 -18.32 -31.72
C GLU D 136 48.73 -17.84 -32.31
N LYS D 137 48.28 -18.52 -33.36
CA LYS D 137 47.03 -18.22 -34.06
C LYS D 137 45.83 -18.18 -33.11
N LYS D 138 45.78 -19.15 -32.20
CA LYS D 138 44.71 -19.29 -31.22
C LYS D 138 44.71 -18.15 -30.20
N ARG D 139 45.91 -17.75 -29.81
CA ARG D 139 46.08 -16.67 -28.83
C ARG D 139 45.66 -15.33 -29.44
N GLN D 140 45.97 -15.14 -30.73
CA GLN D 140 45.64 -13.91 -31.44
C GLN D 140 44.15 -13.77 -31.64
N PHE D 141 43.48 -14.89 -31.89
CA PHE D 141 42.04 -14.96 -32.01
C PHE D 141 41.37 -14.58 -30.67
N GLU D 142 41.89 -15.17 -29.59
CA GLU D 142 41.39 -14.94 -28.24
C GLU D 142 41.51 -13.47 -27.82
N MET D 143 42.62 -12.84 -28.19
CA MET D 143 42.86 -11.43 -27.92
C MET D 143 41.90 -10.54 -28.72
N LYS D 144 41.70 -10.89 -29.98
CA LYS D 144 40.77 -10.21 -30.86
C LYS D 144 39.35 -10.28 -30.33
N ARG D 145 38.97 -11.45 -29.85
CA ARG D 145 37.65 -11.70 -29.33
C ARG D 145 37.40 -10.95 -28.03
N LYS D 146 38.45 -10.86 -27.22
CA LYS D 146 38.43 -10.17 -25.94
C LYS D 146 38.25 -8.68 -26.16
N LEU D 147 38.96 -8.18 -27.16
CA LEU D 147 38.92 -6.78 -27.48
C LEU D 147 37.58 -6.42 -28.13
N HIS D 148 37.01 -7.36 -28.87
CA HIS D 148 35.76 -7.14 -29.60
C HIS D 148 34.54 -7.05 -28.66
N TYR D 149 34.52 -7.88 -27.63
CA TYR D 149 33.39 -7.93 -26.71
C TYR D 149 33.50 -6.91 -25.59
N ASN D 150 33.32 -5.65 -25.95
CA ASN D 150 33.41 -4.56 -24.97
C ASN D 150 32.07 -3.89 -24.64
N GLU D 151 30.96 -4.55 -24.97
CA GLU D 151 29.63 -4.02 -24.70
C GLU D 151 29.44 -3.52 -23.26
N GLY D 152 30.07 -4.18 -22.29
CA GLY D 152 30.08 -3.71 -20.91
C GLY D 152 30.54 -2.26 -20.70
N LEU D 153 31.46 -1.78 -21.53
CA LEU D 153 31.98 -0.42 -21.36
C LEU D 153 30.92 0.67 -21.66
N ASN D 154 29.97 0.37 -22.52
CA ASN D 154 29.03 1.39 -22.99
C ASN D 154 27.62 1.31 -22.41
N ILE D 155 27.40 0.45 -21.42
CA ILE D 155 26.08 0.27 -20.82
C ILE D 155 25.60 1.56 -20.13
N LYS D 156 26.48 2.15 -19.33
CA LYS D 156 26.17 3.37 -18.58
C LYS D 156 25.81 4.51 -19.52
N LEU D 157 26.61 4.67 -20.57
CA LEU D 157 26.37 5.67 -21.59
C LEU D 157 25.07 5.43 -22.37
N ALA D 158 24.82 4.17 -22.72
CA ALA D 158 23.60 3.81 -23.43
C ALA D 158 22.38 4.26 -22.62
N ARG D 159 22.41 4.02 -21.32
CA ARG D 159 21.33 4.42 -20.41
C ARG D 159 21.19 5.93 -20.31
N GLN D 160 22.31 6.64 -20.15
CA GLN D 160 22.33 8.09 -20.18
C GLN D 160 21.70 8.61 -21.47
N LEU D 161 22.10 8.04 -22.60
CA LEU D 161 21.52 8.40 -23.89
C LEU D 161 20.01 8.13 -23.98
N ILE D 162 19.56 6.97 -23.49
CA ILE D 162 18.13 6.64 -23.52
C ILE D 162 17.32 7.64 -22.67
N SER D 163 17.88 7.99 -21.50
CA SER D 163 17.28 8.92 -20.55
C SER D 163 17.03 10.31 -21.12
N LYS D 164 18.07 10.91 -21.70
CA LYS D 164 17.96 12.26 -22.24
C LYS D 164 17.13 12.34 -23.53
N ASP D 165 16.89 11.20 -24.16
CA ASP D 165 16.00 11.10 -25.32
C ASP D 165 14.55 11.04 -24.83
N LEU D 166 14.37 10.56 -23.59
CA LEU D 166 13.03 10.44 -23.00
C LEU D 166 12.58 11.77 -22.37
N HIS D 167 13.47 12.40 -21.60
CA HIS D 167 13.23 13.72 -21.00
C HIS D 167 13.41 14.86 -22.04
N ASP D 168 13.37 14.49 -23.31
CA ASP D 168 13.47 15.41 -24.45
C ASP D 168 12.07 15.86 -24.86
MN MN E . -17.64 10.60 32.01
MN MN F . 25.78 -12.45 -27.07
#